data_7B6P
#
_entry.id   7B6P
#
_cell.length_a   58.590
_cell.length_b   58.940
_cell.length_c   74.380
_cell.angle_alpha   96.720
_cell.angle_beta   91.480
_cell.angle_gamma   104.470
#
_symmetry.space_group_name_H-M   'P 1'
#
loop_
_entity.id
_entity.type
_entity.pdbx_description
1 polymer 'UDP-N-acetylmuramoyl-L-alanyl-D-glutamate-2,6-diaminopimelate ligase'
2 non-polymer N-phenyl-2-selanylbenzamide
3 non-polymer 'ISOPROPYL ALCOHOL'
4 non-polymer 'CITRIC ACID'
5 non-polymer 1,2-ETHANEDIOL
6 water water
#
_entity_poly.entity_id   1
_entity_poly.type   'polypeptide(L)'
_entity_poly.pdbx_seq_one_letter_code
;SMADRNLRDLLAPWVPDAPSRALREMTLDSRVAAAGDLFVAVVGHQADGRRYIPQAIAQGVAAIIAEAKDEATDGEIREM
HGVPVIYLSQLNERLSALAGRFYHEPSDNLRLVGVTGTNGKTTTTQLLAQWSQLLGEISAVMGTVGNGLLGKVIPTENTT
GSAVDVQHELAGLVDQGATFCAMEVSSHGLVQHRVAALKFAASVFTNLSRDHLDYHGDMEHYEAAKWLLYSEHHCGQAII
NADDEVGRRWLAKLPDAVAVSMEDHINPNSHGRWLKATEVNYHDSGATIRFSSSWGDGEIESHLMGAFNVSNLLLALATL
LALGYPLADLLKTAARLQPVSGRMEVFTAPGKPTVVVDYAHTPDALEKALQAARLHCAGKLWCVFGCGGDRDKGKRPLMG
AIAEEFADVAVVTDDNPRTEEPRAIINDILAGMLDAGHAKVMEGRAEAVTSAVMQAKENDVVLVAGKGHEDYQIVGNQRL
DYSDRVTVARLLGVIA
;
_entity_poly.pdbx_strand_id   A,B
#
# COMPACT_ATOMS: atom_id res chain seq x y z
N ARG A 5 -0.53 23.58 -6.32
CA ARG A 5 0.41 23.75 -5.19
C ARG A 5 0.22 25.14 -4.58
N ASN A 6 -0.01 25.19 -3.28
CA ASN A 6 -0.30 26.43 -2.53
C ASN A 6 0.53 26.45 -1.25
N LEU A 7 1.24 27.54 -1.00
CA LEU A 7 2.09 27.76 0.21
C LEU A 7 1.32 27.39 1.46
N ARG A 8 0.05 27.80 1.53
CA ARG A 8 -0.77 27.62 2.75
C ARG A 8 -1.02 26.12 2.98
N ASP A 9 -1.48 25.42 1.96
N ASP A 9 -1.46 25.40 1.95
CA ASP A 9 -1.69 23.95 1.99
CA ASP A 9 -1.69 23.93 2.00
C ASP A 9 -0.35 23.27 2.28
C ASP A 9 -0.35 23.23 2.25
N LEU A 10 0.72 23.65 1.56
CA LEU A 10 2.06 23.04 1.73
C LEU A 10 2.48 23.10 3.20
N LEU A 11 2.27 24.22 3.90
CA LEU A 11 2.83 24.40 5.26
C LEU A 11 1.83 24.04 6.38
N ALA A 12 0.57 23.76 6.05
CA ALA A 12 -0.54 23.46 6.99
C ALA A 12 -0.11 22.54 8.14
N PRO A 13 0.68 21.45 7.93
CA PRO A 13 1.05 20.57 9.05
C PRO A 13 1.92 21.22 10.13
N TRP A 14 2.63 22.30 9.78
CA TRP A 14 3.70 22.93 10.60
C TRP A 14 3.38 24.39 10.92
N VAL A 15 2.87 25.14 9.96
CA VAL A 15 2.60 26.60 10.12
C VAL A 15 1.12 26.82 9.86
N PRO A 16 0.28 26.96 10.90
CA PRO A 16 -1.10 27.38 10.69
C PRO A 16 -1.10 28.83 10.18
N ASP A 17 -2.03 29.17 9.31
CA ASP A 17 -2.23 30.57 8.84
C ASP A 17 -0.95 31.10 8.18
N ALA A 18 -0.26 30.28 7.39
CA ALA A 18 0.68 30.73 6.33
C ALA A 18 -0.13 31.33 5.20
N PRO A 19 0.37 32.35 4.47
CA PRO A 19 -0.40 33.00 3.42
C PRO A 19 -0.72 32.05 2.26
N SER A 20 -1.85 32.32 1.59
CA SER A 20 -2.30 31.63 0.37
C SER A 20 -1.54 32.19 -0.82
N ARG A 21 -0.85 31.34 -1.60
CA ARG A 21 -0.01 31.71 -2.77
C ARG A 21 0.18 30.48 -3.64
N ALA A 22 -0.23 30.55 -4.91
CA ALA A 22 0.08 29.53 -5.94
C ALA A 22 1.61 29.41 -6.08
N LEU A 23 2.11 28.18 -6.17
CA LEU A 23 3.56 27.90 -6.35
C LEU A 23 3.75 27.09 -7.63
N ARG A 24 4.87 27.33 -8.33
CA ARG A 24 5.24 26.58 -9.56
C ARG A 24 6.15 25.42 -9.15
N GLU A 25 7.46 25.64 -9.15
CA GLU A 25 8.47 24.62 -8.77
C GLU A 25 9.09 25.00 -7.41
N MET A 26 9.72 24.02 -6.77
CA MET A 26 10.43 24.15 -5.49
C MET A 26 11.90 24.00 -5.83
N THR A 27 12.76 24.94 -5.38
CA THR A 27 14.22 24.89 -5.70
C THR A 27 15.02 25.39 -4.50
N LEU A 28 16.21 24.79 -4.33
CA LEU A 28 17.26 25.17 -3.35
C LEU A 28 18.23 26.20 -3.97
N ASP A 29 18.15 26.40 -5.27
CA ASP A 29 19.16 27.19 -6.04
C ASP A 29 18.57 28.54 -6.46
N SER A 30 19.02 29.65 -5.87
CA SER A 30 18.52 31.00 -6.23
C SER A 30 18.69 31.29 -7.73
N ARG A 31 19.68 30.66 -8.40
CA ARG A 31 20.01 30.96 -9.82
C ARG A 31 18.90 30.47 -10.75
N VAL A 32 18.21 29.38 -10.43
CA VAL A 32 17.13 28.78 -11.29
C VAL A 32 15.74 29.18 -10.76
N ALA A 33 15.65 29.75 -9.56
CA ALA A 33 14.41 30.31 -8.98
C ALA A 33 13.79 31.30 -9.99
N ALA A 34 12.64 30.94 -10.54
CA ALA A 34 11.90 31.67 -11.60
C ALA A 34 10.60 32.22 -11.01
N ALA A 35 9.91 33.10 -11.75
CA ALA A 35 8.62 33.69 -11.33
C ALA A 35 7.65 32.58 -10.92
N GLY A 36 7.06 32.72 -9.73
CA GLY A 36 6.00 31.84 -9.19
C GLY A 36 6.57 30.68 -8.39
N ASP A 37 7.91 30.56 -8.30
CA ASP A 37 8.60 29.42 -7.64
C ASP A 37 8.61 29.57 -6.13
N LEU A 38 8.79 28.44 -5.46
CA LEU A 38 9.11 28.42 -4.01
C LEU A 38 10.62 28.25 -3.92
N PHE A 39 11.32 29.25 -3.40
CA PHE A 39 12.75 29.16 -3.06
C PHE A 39 12.88 28.68 -1.62
N VAL A 40 13.77 27.74 -1.41
CA VAL A 40 14.09 27.18 -0.07
C VAL A 40 15.53 27.53 0.25
N ALA A 41 15.73 28.34 1.29
CA ALA A 41 17.03 28.92 1.71
C ALA A 41 17.57 28.11 2.89
N VAL A 42 18.53 27.24 2.61
CA VAL A 42 19.11 26.26 3.58
C VAL A 42 20.53 26.69 3.93
N VAL A 43 21.00 26.30 5.12
CA VAL A 43 22.43 26.42 5.52
C VAL A 43 23.08 25.06 5.33
N GLY A 44 24.16 24.98 4.54
CA GLY A 44 24.95 23.75 4.29
C GLY A 44 26.36 23.84 4.87
N HIS A 45 27.35 23.21 4.21
CA HIS A 45 28.79 23.41 4.51
C HIS A 45 29.25 24.73 3.87
N GLN A 46 29.43 25.77 4.71
CA GLN A 46 29.93 27.13 4.33
C GLN A 46 28.80 27.95 3.67
N ALA A 47 27.95 27.31 2.84
CA ALA A 47 26.90 27.97 2.02
C ALA A 47 25.67 28.32 2.88
N ASP A 48 25.14 29.53 2.73
CA ASP A 48 23.92 30.02 3.42
C ASP A 48 22.98 30.62 2.38
N GLY A 49 21.86 29.93 2.09
CA GLY A 49 20.93 30.32 1.03
C GLY A 49 20.20 31.60 1.37
N ARG A 50 20.15 31.96 2.65
CA ARG A 50 19.47 33.20 3.12
C ARG A 50 20.17 34.43 2.51
N ARG A 51 21.47 34.32 2.16
CA ARG A 51 22.22 35.36 1.40
C ARG A 51 21.47 35.69 0.10
N TYR A 52 20.87 34.68 -0.53
CA TYR A 52 20.29 34.81 -1.89
C TYR A 52 18.79 35.18 -1.84
N ILE A 53 18.22 35.51 -0.67
CA ILE A 53 16.76 35.88 -0.56
C ILE A 53 16.48 37.10 -1.43
N PRO A 54 17.24 38.22 -1.35
CA PRO A 54 17.00 39.38 -2.23
C PRO A 54 17.01 39.03 -3.73
N GLN A 55 17.99 38.24 -4.21
CA GLN A 55 18.09 37.81 -5.65
C GLN A 55 16.83 37.04 -6.06
N ALA A 56 16.40 36.11 -5.21
CA ALA A 56 15.23 35.24 -5.47
C ALA A 56 14.00 36.14 -5.58
N ILE A 57 13.86 37.10 -4.67
CA ILE A 57 12.74 38.09 -4.65
C ILE A 57 12.75 38.88 -5.97
N ALA A 58 13.92 39.33 -6.44
CA ALA A 58 14.08 40.12 -7.68
C ALA A 58 13.73 39.27 -8.91
N GLN A 59 13.92 37.95 -8.83
CA GLN A 59 13.59 37.00 -9.94
C GLN A 59 12.11 36.57 -9.86
N GLY A 60 11.34 37.06 -8.89
CA GLY A 60 9.86 36.95 -8.91
C GLY A 60 9.31 35.68 -8.28
N VAL A 61 10.05 35.07 -7.36
CA VAL A 61 9.54 33.90 -6.60
C VAL A 61 8.23 34.31 -5.91
N ALA A 62 7.33 33.34 -5.80
CA ALA A 62 6.05 33.51 -5.10
C ALA A 62 6.30 33.53 -3.58
N ALA A 63 7.31 32.79 -3.09
CA ALA A 63 7.48 32.60 -1.63
C ALA A 63 8.82 31.94 -1.31
N ILE A 64 9.22 32.06 -0.06
CA ILE A 64 10.54 31.59 0.43
C ILE A 64 10.30 30.88 1.75
N ILE A 65 10.94 29.72 1.90
CA ILE A 65 11.03 29.05 3.23
C ILE A 65 12.51 29.05 3.56
N ALA A 66 12.87 29.51 4.77
CA ALA A 66 14.26 29.78 5.18
C ALA A 66 14.61 29.11 6.50
N GLU A 67 15.89 28.74 6.66
CA GLU A 67 16.45 28.28 7.95
C GLU A 67 16.23 29.37 9.00
N ALA A 68 15.64 29.04 10.14
CA ALA A 68 15.35 29.97 11.25
C ALA A 68 16.60 30.29 12.09
N LYS A 69 17.62 29.42 12.07
CA LYS A 69 18.78 29.44 13.03
C LYS A 69 19.43 30.84 13.08
N ASP A 70 19.37 31.47 14.26
CA ASP A 70 20.01 32.78 14.58
C ASP A 70 19.18 33.94 14.02
N GLU A 71 18.15 33.65 13.22
CA GLU A 71 17.47 34.65 12.37
C GLU A 71 16.05 34.87 12.88
N ALA A 72 15.34 33.81 13.26
CA ALA A 72 13.88 33.85 13.43
C ALA A 72 13.47 32.66 14.30
N THR A 73 12.21 32.65 14.73
CA THR A 73 11.58 31.54 15.48
C THR A 73 10.99 30.56 14.45
N ASP A 74 10.85 29.29 14.85
CA ASP A 74 10.24 28.22 14.01
C ASP A 74 8.82 28.67 13.70
N GLY A 75 8.45 28.75 12.41
CA GLY A 75 7.08 29.08 11.99
C GLY A 75 6.89 30.59 11.84
N GLU A 76 7.95 31.37 12.00
CA GLU A 76 7.84 32.85 11.95
C GLU A 76 7.56 33.24 10.50
N ILE A 77 6.45 33.94 10.27
CA ILE A 77 6.05 34.49 8.95
C ILE A 77 6.50 35.95 8.83
N ARG A 78 7.44 36.24 7.95
CA ARG A 78 7.80 37.63 7.53
C ARG A 78 7.30 37.91 6.11
N GLU A 79 7.32 39.19 5.72
CA GLU A 79 6.87 39.68 4.39
C GLU A 79 7.95 40.64 3.90
N MET A 80 8.60 40.37 2.77
CA MET A 80 9.66 41.23 2.15
C MET A 80 9.32 41.52 0.68
N HIS A 81 9.22 42.80 0.28
CA HIS A 81 8.80 43.20 -1.09
C HIS A 81 7.47 42.51 -1.44
N GLY A 82 6.61 42.27 -0.45
CA GLY A 82 5.31 41.60 -0.62
C GLY A 82 5.47 40.10 -0.85
N VAL A 83 6.67 39.53 -0.69
CA VAL A 83 6.93 38.06 -0.81
C VAL A 83 6.92 37.43 0.59
N PRO A 84 6.06 36.41 0.88
CA PRO A 84 6.09 35.76 2.19
C PRO A 84 7.43 35.02 2.34
N VAL A 85 8.09 35.19 3.49
CA VAL A 85 9.31 34.45 3.87
C VAL A 85 8.95 33.78 5.19
N ILE A 86 8.89 32.45 5.20
CA ILE A 86 8.53 31.68 6.41
C ILE A 86 9.77 30.94 6.92
N TYR A 87 10.10 31.11 8.18
CA TYR A 87 11.32 30.51 8.79
C TYR A 87 10.93 29.17 9.45
N LEU A 88 11.78 28.17 9.30
CA LEU A 88 11.65 26.81 9.93
C LEU A 88 13.00 26.41 10.54
N SER A 89 12.95 25.90 11.77
N SER A 89 12.97 25.91 11.78
CA SER A 89 14.11 25.29 12.48
CA SER A 89 14.15 25.35 12.47
C SER A 89 14.41 23.95 11.82
C SER A 89 14.41 23.94 11.93
N GLN A 90 15.69 23.56 11.83
CA GLN A 90 16.16 22.22 11.38
C GLN A 90 15.63 21.96 9.95
N LEU A 91 15.73 22.95 9.07
CA LEU A 91 15.14 22.85 7.70
C LEU A 91 15.79 21.70 6.93
N ASN A 92 17.08 21.43 7.13
CA ASN A 92 17.79 20.35 6.42
C ASN A 92 17.12 19.00 6.72
N GLU A 93 16.73 18.75 7.96
CA GLU A 93 16.13 17.44 8.40
C GLU A 93 14.72 17.31 7.84
N ARG A 94 14.05 18.45 7.65
CA ARG A 94 12.60 18.52 7.30
C ARG A 94 12.42 18.72 5.80
N LEU A 95 13.50 18.87 5.05
CA LEU A 95 13.46 19.12 3.59
C LEU A 95 12.75 17.96 2.88
N SER A 96 13.06 16.70 3.21
CA SER A 96 12.39 15.55 2.56
C SER A 96 10.87 15.66 2.77
N ALA A 97 10.41 15.97 3.98
CA ALA A 97 8.96 15.98 4.29
C ALA A 97 8.30 17.12 3.50
N LEU A 98 8.97 18.26 3.47
CA LEU A 98 8.46 19.50 2.82
C LEU A 98 8.30 19.19 1.33
N ALA A 99 9.34 18.62 0.73
CA ALA A 99 9.32 18.26 -0.72
C ALA A 99 8.29 17.15 -0.96
N GLY A 100 8.16 16.18 -0.05
CA GLY A 100 7.17 15.10 -0.25
C GLY A 100 5.76 15.65 -0.37
N ARG A 101 5.44 16.60 0.48
CA ARG A 101 4.10 17.22 0.51
C ARG A 101 3.95 18.09 -0.75
N PHE A 102 4.98 18.84 -1.12
CA PHE A 102 5.01 19.65 -2.37
C PHE A 102 4.65 18.77 -3.56
N TYR A 103 5.26 17.58 -3.65
CA TYR A 103 5.16 16.71 -4.86
C TYR A 103 4.09 15.63 -4.71
N HIS A 104 3.17 15.79 -3.75
CA HIS A 104 1.94 14.96 -3.58
C HIS A 104 2.36 13.55 -3.15
N GLU A 105 3.39 13.45 -2.30
CA GLU A 105 3.73 12.22 -1.54
C GLU A 105 3.90 11.07 -2.54
N PRO A 106 4.84 11.17 -3.50
CA PRO A 106 5.01 10.11 -4.49
C PRO A 106 5.29 8.72 -3.86
N SER A 107 6.00 8.62 -2.73
CA SER A 107 6.27 7.30 -2.11
C SER A 107 4.98 6.61 -1.60
N ASP A 108 3.84 7.30 -1.51
CA ASP A 108 2.51 6.72 -1.14
C ASP A 108 1.73 6.37 -2.41
N ASN A 109 2.28 6.62 -3.60
CA ASN A 109 1.54 6.42 -4.86
C ASN A 109 2.24 5.37 -5.73
N LEU A 110 3.26 4.69 -5.22
CA LEU A 110 3.86 3.49 -5.86
C LEU A 110 4.50 2.65 -4.76
N ARG A 111 4.92 1.42 -5.06
CA ARG A 111 5.64 0.56 -4.08
C ARG A 111 7.13 0.90 -4.20
N LEU A 112 7.68 1.59 -3.21
CA LEU A 112 9.10 2.01 -3.17
C LEU A 112 9.87 0.97 -2.33
N VAL A 113 10.91 0.37 -2.90
CA VAL A 113 11.83 -0.53 -2.18
C VAL A 113 13.21 0.09 -2.21
N GLY A 114 13.81 0.29 -1.05
CA GLY A 114 15.16 0.83 -0.96
C GLY A 114 16.16 -0.30 -0.79
N VAL A 115 17.35 -0.16 -1.39
CA VAL A 115 18.48 -1.11 -1.17
C VAL A 115 19.71 -0.34 -0.70
N THR A 116 20.31 -0.81 0.39
CA THR A 116 21.52 -0.19 0.97
C THR A 116 22.56 -1.29 1.19
N GLY A 117 23.82 -0.86 1.35
CA GLY A 117 24.95 -1.80 1.48
C GLY A 117 26.13 -1.29 0.67
N THR A 118 27.29 -1.90 0.87
CA THR A 118 28.51 -1.54 0.10
C THR A 118 28.32 -1.99 -1.34
N ASN A 119 27.98 -3.26 -1.54
CA ASN A 119 27.95 -3.87 -2.89
C ASN A 119 26.56 -4.41 -3.16
N GLY A 120 26.26 -4.59 -4.46
CA GLY A 120 25.03 -5.25 -4.91
C GLY A 120 23.81 -4.35 -4.92
N LYS A 121 23.92 -3.04 -4.62
CA LYS A 121 22.77 -2.11 -4.66
C LYS A 121 22.25 -2.05 -6.10
N THR A 122 23.13 -1.93 -7.10
CA THR A 122 22.67 -1.73 -8.49
C THR A 122 21.99 -3.02 -8.98
N THR A 123 22.64 -4.15 -8.79
CA THR A 123 22.10 -5.42 -9.30
C THR A 123 20.77 -5.71 -8.58
N THR A 124 20.76 -5.56 -7.29
CA THR A 124 19.55 -5.91 -6.49
C THR A 124 18.38 -5.00 -6.92
N THR A 125 18.59 -3.69 -7.01
CA THR A 125 17.53 -2.76 -7.52
C THR A 125 17.09 -3.16 -8.92
N GLN A 126 18.00 -3.51 -9.85
CA GLN A 126 17.56 -3.90 -11.21
C GLN A 126 16.74 -5.20 -11.16
N LEU A 127 17.13 -6.18 -10.36
CA LEU A 127 16.35 -7.43 -10.23
C LEU A 127 14.97 -7.17 -9.60
N LEU A 128 14.88 -6.30 -8.59
CA LEU A 128 13.56 -5.93 -8.00
C LEU A 128 12.69 -5.32 -9.09
N ALA A 129 13.23 -4.35 -9.84
CA ALA A 129 12.44 -3.62 -10.85
C ALA A 129 12.04 -4.60 -11.97
N GLN A 130 12.96 -5.45 -12.45
CA GLN A 130 12.67 -6.42 -13.55
C GLN A 130 11.62 -7.44 -13.11
N TRP A 131 11.79 -8.02 -11.92
CA TRP A 131 10.92 -9.12 -11.43
C TRP A 131 9.47 -8.60 -11.21
N SER A 132 9.34 -7.48 -10.50
CA SER A 132 8.02 -6.84 -10.23
C SER A 132 7.35 -6.51 -11.57
N GLN A 133 8.11 -6.06 -12.58
CA GLN A 133 7.53 -5.70 -13.90
C GLN A 133 7.07 -6.96 -14.61
N LEU A 134 7.84 -8.05 -14.48
CA LEU A 134 7.45 -9.39 -15.01
C LEU A 134 6.14 -9.85 -14.40
N LEU A 135 5.84 -9.43 -13.18
CA LEU A 135 4.58 -9.81 -12.49
C LEU A 135 3.47 -8.76 -12.78
N GLY A 136 3.73 -7.72 -13.58
CA GLY A 136 2.69 -6.78 -14.05
C GLY A 136 2.82 -5.37 -13.53
N GLU A 137 3.79 -5.05 -12.67
CA GLU A 137 4.10 -3.63 -12.34
C GLU A 137 4.60 -2.91 -13.59
N ILE A 138 4.54 -1.59 -13.54
CA ILE A 138 5.34 -0.68 -14.41
C ILE A 138 6.46 -0.15 -13.53
N SER A 139 7.66 -0.68 -13.73
CA SER A 139 8.73 -0.54 -12.72
C SER A 139 9.74 0.48 -13.19
N ALA A 140 10.41 1.08 -12.23
CA ALA A 140 11.45 2.11 -12.37
C ALA A 140 12.59 1.80 -11.42
N VAL A 141 13.72 2.48 -11.64
CA VAL A 141 14.90 2.46 -10.75
C VAL A 141 15.33 3.89 -10.53
N MET A 142 15.84 4.15 -9.35
CA MET A 142 16.65 5.35 -9.06
C MET A 142 17.95 4.85 -8.50
N GLY A 143 19.06 5.07 -9.21
CA GLY A 143 20.35 4.53 -8.76
C GLY A 143 21.51 5.15 -9.49
N THR A 144 22.68 4.51 -9.46
CA THR A 144 23.97 5.13 -9.88
C THR A 144 24.07 5.10 -11.42
N VAL A 145 23.32 4.22 -12.09
CA VAL A 145 23.14 4.11 -13.57
C VAL A 145 22.13 5.18 -14.03
N GLY A 146 21.50 5.91 -13.10
CA GLY A 146 20.53 7.01 -13.34
C GLY A 146 19.13 6.65 -12.86
N ASN A 147 18.12 7.39 -13.34
CA ASN A 147 16.70 7.17 -12.98
C ASN A 147 15.85 6.97 -14.23
N GLY A 148 14.78 6.19 -14.10
CA GLY A 148 13.69 6.17 -15.07
C GLY A 148 12.98 4.84 -15.07
N LEU A 149 11.96 4.72 -15.91
CA LEU A 149 11.24 3.46 -16.13
C LEU A 149 12.27 2.46 -16.65
N LEU A 150 12.12 1.18 -16.34
CA LEU A 150 13.01 0.12 -16.87
C LEU A 150 13.21 0.29 -18.38
N GLY A 151 14.46 0.22 -18.86
CA GLY A 151 14.81 0.34 -20.28
C GLY A 151 14.95 1.79 -20.74
N LYS A 152 14.70 2.76 -19.86
CA LYS A 152 14.74 4.20 -20.22
C LYS A 152 15.35 4.96 -19.03
N VAL A 153 16.41 4.39 -18.48
CA VAL A 153 17.17 4.94 -17.33
C VAL A 153 18.18 5.96 -17.88
N ILE A 154 18.10 7.21 -17.42
CA ILE A 154 18.88 8.38 -17.93
C ILE A 154 19.77 8.87 -16.80
N PRO A 155 21.10 9.06 -17.03
CA PRO A 155 22.07 9.33 -15.94
C PRO A 155 21.76 10.45 -14.95
N GLY A 161 22.40 15.84 -5.73
CA GLY A 161 21.09 15.19 -5.52
C GLY A 161 20.61 15.38 -4.09
N SER A 162 19.67 16.31 -3.88
CA SER A 162 19.15 16.75 -2.55
C SER A 162 17.83 16.01 -2.20
N ALA A 163 17.35 16.20 -0.99
CA ALA A 163 16.03 15.67 -0.52
C ALA A 163 14.91 16.13 -1.46
N VAL A 164 15.03 17.33 -2.02
CA VAL A 164 14.03 17.86 -2.98
C VAL A 164 14.08 17.07 -4.28
N ASP A 165 15.28 16.96 -4.86
CA ASP A 165 15.52 16.28 -6.17
C ASP A 165 14.99 14.84 -6.10
N VAL A 166 15.21 14.18 -4.95
CA VAL A 166 14.76 12.78 -4.74
C VAL A 166 13.24 12.74 -4.86
N GLN A 167 12.54 13.63 -4.15
CA GLN A 167 11.08 13.66 -4.14
C GLN A 167 10.57 14.03 -5.53
N HIS A 168 11.19 15.04 -6.14
CA HIS A 168 10.84 15.54 -7.50
C HIS A 168 10.98 14.40 -8.53
N GLU A 169 12.09 13.66 -8.48
CA GLU A 169 12.35 12.60 -9.47
C GLU A 169 11.36 11.46 -9.23
N LEU A 170 11.05 11.12 -7.97
CA LEU A 170 10.07 10.02 -7.70
C LEU A 170 8.68 10.43 -8.20
N ALA A 171 8.34 11.71 -8.05
CA ALA A 171 7.07 12.28 -8.53
C ALA A 171 7.02 12.20 -10.07
N GLY A 172 8.13 12.50 -10.74
CA GLY A 172 8.21 12.39 -12.21
C GLY A 172 7.98 10.95 -12.65
N LEU A 173 8.49 9.96 -11.90
CA LEU A 173 8.24 8.53 -12.25
C LEU A 173 6.76 8.19 -12.02
N VAL A 174 6.16 8.74 -10.96
CA VAL A 174 4.72 8.47 -10.68
C VAL A 174 3.93 9.01 -11.88
N ASP A 175 4.27 10.23 -12.28
CA ASP A 175 3.68 10.94 -13.46
C ASP A 175 3.86 10.12 -14.74
N GLN A 176 4.95 9.38 -14.87
CA GLN A 176 5.16 8.53 -16.05
C GLN A 176 4.38 7.20 -15.97
N GLY A 177 3.69 6.88 -14.88
CA GLY A 177 2.89 5.66 -14.69
C GLY A 177 3.61 4.56 -13.91
N ALA A 178 4.76 4.84 -13.28
CA ALA A 178 5.51 3.82 -12.48
C ALA A 178 4.64 3.41 -11.30
N THR A 179 4.49 2.09 -11.08
CA THR A 179 3.76 1.53 -9.91
C THR A 179 4.73 0.89 -8.90
N PHE A 180 6.01 0.82 -9.24
CA PHE A 180 7.06 0.16 -8.42
C PHE A 180 8.35 0.89 -8.74
N CYS A 181 9.08 1.24 -7.70
CA CYS A 181 10.41 1.82 -7.89
C CYS A 181 11.40 1.11 -6.96
N ALA A 182 12.52 0.64 -7.53
CA ALA A 182 13.66 0.15 -6.72
C ALA A 182 14.71 1.25 -6.68
N MET A 183 15.04 1.71 -5.48
CA MET A 183 15.94 2.85 -5.24
C MET A 183 17.19 2.39 -4.49
N GLU A 184 18.36 2.70 -5.05
CA GLU A 184 19.64 2.63 -4.32
C GLU A 184 19.67 3.73 -3.28
N VAL A 185 20.00 3.37 -2.05
CA VAL A 185 20.16 4.34 -0.95
C VAL A 185 21.55 4.14 -0.34
N SER A 186 22.46 5.08 -0.57
CA SER A 186 23.82 5.04 0.02
C SER A 186 23.70 5.36 1.51
N SER A 187 24.65 4.87 2.29
CA SER A 187 24.89 5.25 3.70
C SER A 187 24.95 6.78 3.82
N HIS A 188 25.62 7.46 2.89
CA HIS A 188 25.79 8.93 2.91
C HIS A 188 24.44 9.61 2.66
N GLY A 189 23.65 9.08 1.72
CA GLY A 189 22.25 9.46 1.44
C GLY A 189 21.41 9.49 2.73
N LEU A 190 21.45 8.41 3.51
CA LEU A 190 20.65 8.27 4.76
C LEU A 190 21.09 9.35 5.75
N VAL A 191 22.40 9.44 6.02
CA VAL A 191 23.01 10.38 7.00
C VAL A 191 22.63 11.84 6.67
N GLN A 192 22.62 12.21 5.39
CA GLN A 192 22.37 13.60 4.96
C GLN A 192 20.86 13.84 4.78
N HIS A 193 20.00 12.92 5.22
CA HIS A 193 18.53 13.12 5.31
C HIS A 193 17.89 13.24 3.92
N ARG A 194 18.51 12.67 2.90
CA ARG A 194 18.01 12.76 1.51
C ARG A 194 16.80 11.85 1.26
N VAL A 195 16.50 10.90 2.17
CA VAL A 195 15.28 10.05 2.02
C VAL A 195 14.46 10.03 3.32
N ALA A 196 14.63 11.04 4.17
CA ALA A 196 14.06 11.08 5.54
C ALA A 196 12.54 10.85 5.52
N ALA A 197 11.77 11.37 4.55
CA ALA A 197 10.29 11.30 4.60
C ALA A 197 9.73 10.29 3.61
N LEU A 198 10.58 9.55 2.88
CA LEU A 198 10.08 8.54 1.94
C LEU A 198 9.46 7.41 2.73
N LYS A 199 8.35 6.90 2.23
CA LYS A 199 7.69 5.70 2.82
C LYS A 199 8.13 4.49 2.00
N PHE A 200 9.09 3.76 2.51
CA PHE A 200 9.54 2.52 1.84
C PHE A 200 8.60 1.38 2.20
N ALA A 201 8.17 0.64 1.21
CA ALA A 201 7.38 -0.60 1.43
C ALA A 201 8.30 -1.64 2.07
N ALA A 202 9.56 -1.62 1.67
CA ALA A 202 10.61 -2.54 2.15
C ALA A 202 11.98 -1.92 1.90
N SER A 203 12.93 -2.37 2.71
CA SER A 203 14.34 -1.99 2.56
C SER A 203 15.19 -3.26 2.69
N VAL A 204 16.30 -3.23 1.97
CA VAL A 204 17.18 -4.39 1.76
C VAL A 204 18.58 -4.00 2.23
N PHE A 205 19.21 -4.87 2.99
CA PHE A 205 20.63 -4.75 3.41
C PHE A 205 21.42 -5.84 2.70
N THR A 206 22.34 -5.46 1.80
CA THR A 206 23.16 -6.40 1.02
C THR A 206 24.38 -6.88 1.83
N ASN A 207 25.22 -5.96 2.29
CA ASN A 207 26.52 -6.28 2.95
C ASN A 207 27.15 -4.97 3.43
N LEU A 208 28.17 -5.08 4.30
CA LEU A 208 29.03 -3.96 4.74
C LEU A 208 30.49 -4.42 4.66
N SER A 209 31.37 -3.61 4.04
CA SER A 209 32.83 -3.88 3.95
C SER A 209 33.59 -2.58 4.20
N GLY A 217 34.89 0.58 20.81
CA GLY A 217 34.26 1.92 20.90
C GLY A 217 33.75 2.41 19.56
N ASP A 218 34.55 2.27 18.49
CA ASP A 218 34.19 2.73 17.12
C ASP A 218 32.94 1.99 16.66
N MET A 219 32.94 0.65 16.77
CA MET A 219 31.81 -0.23 16.37
C MET A 219 30.55 0.15 17.16
N GLU A 220 30.69 0.55 18.44
CA GLU A 220 29.55 0.96 19.32
C GLU A 220 28.90 2.24 18.80
N HIS A 221 29.70 3.27 18.50
CA HIS A 221 29.21 4.57 17.97
C HIS A 221 28.60 4.41 16.58
N TYR A 222 29.25 3.63 15.71
CA TYR A 222 28.76 3.37 14.34
C TYR A 222 27.35 2.77 14.45
N GLU A 223 27.22 1.66 15.20
CA GLU A 223 25.91 0.98 15.39
C GLU A 223 24.91 1.99 15.95
N ALA A 224 25.31 2.82 16.93
CA ALA A 224 24.39 3.70 17.67
C ALA A 224 23.85 4.77 16.71
N ALA A 225 24.74 5.40 15.94
CA ALA A 225 24.40 6.38 14.90
C ALA A 225 23.43 5.76 13.87
N LYS A 226 23.68 4.53 13.41
CA LYS A 226 22.83 3.86 12.38
C LYS A 226 21.48 3.45 12.98
N TRP A 227 21.47 2.90 14.19
CA TRP A 227 20.20 2.54 14.88
C TRP A 227 19.34 3.80 15.06
N LEU A 228 19.96 4.92 15.44
CA LEU A 228 19.25 6.20 15.70
C LEU A 228 18.58 6.63 14.39
N LEU A 229 19.35 6.71 13.32
CA LEU A 229 18.85 7.10 11.96
C LEU A 229 17.70 6.18 11.57
N TYR A 230 17.90 4.86 11.70
CA TYR A 230 16.90 3.83 11.30
C TYR A 230 15.59 4.06 12.07
N SER A 231 15.67 4.34 13.36
CA SER A 231 14.50 4.52 14.25
C SER A 231 13.66 5.70 13.77
N GLU A 232 14.27 6.62 13.02
CA GLU A 232 13.64 7.88 12.55
C GLU A 232 13.03 7.68 11.16
N HIS A 233 13.40 6.63 10.44
CA HIS A 233 13.01 6.47 9.02
C HIS A 233 11.79 5.54 8.91
N HIS A 234 11.16 5.52 7.75
CA HIS A 234 9.94 4.71 7.50
C HIS A 234 10.36 3.65 6.48
N CYS A 235 11.00 2.56 6.92
CA CYS A 235 11.74 1.60 6.03
C CYS A 235 10.91 0.37 5.70
N GLY A 236 9.70 0.25 6.26
CA GLY A 236 8.79 -0.87 5.96
C GLY A 236 9.43 -2.19 6.34
N GLN A 237 9.18 -3.23 5.57
CA GLN A 237 9.76 -4.56 5.88
C GLN A 237 11.27 -4.57 5.61
N ALA A 238 12.00 -5.11 6.57
CA ALA A 238 13.46 -5.30 6.54
C ALA A 238 13.80 -6.66 5.92
N ILE A 239 14.63 -6.65 4.86
CA ILE A 239 15.20 -7.87 4.25
C ILE A 239 16.72 -7.77 4.37
N ILE A 240 17.33 -8.73 5.04
CA ILE A 240 18.75 -8.64 5.48
C ILE A 240 19.52 -9.89 5.09
N ASN A 241 20.68 -9.67 4.47
CA ASN A 241 21.66 -10.72 4.14
C ASN A 241 22.28 -11.25 5.44
N ALA A 242 21.89 -12.45 5.84
CA ALA A 242 22.36 -13.08 7.10
C ALA A 242 23.74 -13.71 6.92
N ASP A 243 24.31 -13.70 5.73
CA ASP A 243 25.69 -14.17 5.49
C ASP A 243 26.70 -13.07 5.81
N ASP A 244 26.23 -11.85 6.06
CA ASP A 244 27.09 -10.71 6.43
C ASP A 244 27.07 -10.58 7.96
N GLU A 245 28.23 -10.50 8.59
CA GLU A 245 28.43 -10.44 10.07
C GLU A 245 27.60 -9.29 10.66
N VAL A 246 27.63 -8.13 10.02
CA VAL A 246 26.87 -6.92 10.48
C VAL A 246 25.39 -7.17 10.23
N GLY A 247 25.02 -7.76 9.09
CA GLY A 247 23.64 -8.18 8.86
C GLY A 247 23.06 -9.01 10.00
N ARG A 248 23.84 -9.95 10.55
N ARG A 248 23.86 -9.93 10.56
CA ARG A 248 23.37 -10.81 11.67
CA ARG A 248 23.39 -10.82 11.66
C ARG A 248 23.20 -9.97 12.94
C ARG A 248 23.22 -10.00 12.95
N ARG A 249 24.10 -9.02 13.19
CA ARG A 249 23.95 -8.03 14.30
C ARG A 249 22.57 -7.37 14.18
N TRP A 250 22.22 -6.87 12.99
CA TRP A 250 20.94 -6.15 12.74
C TRP A 250 19.77 -7.12 12.95
N LEU A 251 19.84 -8.33 12.39
CA LEU A 251 18.75 -9.34 12.52
C LEU A 251 18.48 -9.65 14.00
N ALA A 252 19.52 -9.64 14.83
CA ALA A 252 19.46 -10.00 16.27
C ALA A 252 18.49 -9.04 16.97
N LYS A 253 18.36 -7.80 16.45
CA LYS A 253 17.51 -6.74 17.05
C LYS A 253 16.19 -6.57 16.27
N LEU A 254 15.91 -7.36 15.22
CA LEU A 254 14.75 -7.10 14.33
C LEU A 254 13.98 -8.41 14.08
N PRO A 255 13.15 -8.84 15.05
CA PRO A 255 12.50 -10.14 14.93
C PRO A 255 11.56 -10.29 13.71
N ASP A 256 11.01 -9.19 13.14
CA ASP A 256 10.13 -9.23 11.94
C ASP A 256 10.92 -9.08 10.62
N ALA A 257 12.23 -8.90 10.69
CA ALA A 257 13.11 -8.84 9.49
C ALA A 257 13.14 -10.22 8.85
N VAL A 258 13.28 -10.27 7.53
CA VAL A 258 13.44 -11.53 6.76
C VAL A 258 14.93 -11.84 6.65
N ALA A 259 15.37 -13.01 7.10
CA ALA A 259 16.78 -13.43 7.02
C ALA A 259 17.01 -14.19 5.70
N VAL A 260 18.06 -13.83 4.98
CA VAL A 260 18.38 -14.47 3.67
C VAL A 260 19.82 -14.97 3.72
N SER A 261 20.01 -16.19 3.25
CA SER A 261 21.29 -16.92 3.37
C SER A 261 21.52 -17.82 2.16
N MET A 262 22.77 -17.89 1.73
CA MET A 262 23.21 -19.00 0.83
C MET A 262 24.38 -19.74 1.47
N GLU A 263 24.69 -19.47 2.75
CA GLU A 263 25.81 -20.13 3.48
C GLU A 263 25.35 -20.63 4.86
N ASP A 264 24.12 -21.11 4.98
CA ASP A 264 23.65 -21.81 6.20
C ASP A 264 23.69 -20.89 7.43
N HIS A 265 23.15 -19.67 7.37
CA HIS A 265 23.13 -18.73 8.53
C HIS A 265 21.71 -18.46 9.04
N ILE A 266 20.70 -19.14 8.53
CA ILE A 266 19.32 -19.12 9.06
C ILE A 266 19.34 -19.89 10.39
N ASN A 267 18.81 -19.29 11.44
CA ASN A 267 18.67 -19.91 12.78
C ASN A 267 17.19 -20.22 12.93
N PRO A 268 16.74 -21.48 12.69
CA PRO A 268 15.32 -21.80 12.74
C PRO A 268 14.71 -21.70 14.14
N ASN A 269 15.54 -21.65 15.21
CA ASN A 269 15.04 -21.41 16.60
C ASN A 269 14.28 -20.06 16.66
N SER A 270 14.54 -19.13 15.75
CA SER A 270 13.92 -17.76 15.82
C SER A 270 12.43 -17.76 15.41
N HIS A 271 11.94 -18.73 14.63
CA HIS A 271 10.57 -18.75 14.08
C HIS A 271 10.28 -17.45 13.31
N GLY A 272 11.30 -16.82 12.74
CA GLY A 272 11.10 -15.65 11.87
C GLY A 272 10.98 -16.09 10.43
N ARG A 273 10.80 -15.12 9.55
CA ARG A 273 10.69 -15.37 8.10
C ARG A 273 12.10 -15.51 7.55
N TRP A 274 12.28 -16.40 6.57
CA TRP A 274 13.66 -16.73 6.09
C TRP A 274 13.59 -17.29 4.68
N LEU A 275 14.73 -17.17 4.00
CA LEU A 275 14.93 -17.78 2.68
C LEU A 275 16.39 -18.15 2.57
N LYS A 276 16.65 -19.39 2.17
CA LYS A 276 18.02 -19.91 2.06
C LYS A 276 18.17 -20.83 0.84
N ALA A 277 19.27 -20.63 0.13
CA ALA A 277 19.67 -21.53 -0.95
C ALA A 277 20.24 -22.78 -0.26
N THR A 278 19.71 -23.94 -0.60
CA THR A 278 20.16 -25.25 -0.06
C THR A 278 21.23 -25.80 -1.00
N GLU A 279 21.12 -25.53 -2.30
CA GLU A 279 22.09 -26.04 -3.30
C GLU A 279 22.21 -25.04 -4.44
N VAL A 280 23.43 -24.77 -4.87
CA VAL A 280 23.67 -23.96 -6.10
C VAL A 280 24.60 -24.74 -7.00
N ASN A 281 24.18 -24.93 -8.24
CA ASN A 281 25.04 -25.49 -9.31
C ASN A 281 25.39 -24.33 -10.26
N TYR A 282 26.65 -23.92 -10.29
CA TYR A 282 27.17 -22.86 -11.20
C TYR A 282 27.58 -23.57 -12.51
N HIS A 283 26.81 -23.33 -13.57
CA HIS A 283 27.02 -24.05 -14.85
C HIS A 283 27.40 -23.05 -15.94
N ASP A 284 27.46 -23.53 -17.18
CA ASP A 284 28.15 -22.79 -18.25
C ASP A 284 27.27 -21.61 -18.70
N SER A 285 26.00 -21.53 -18.30
CA SER A 285 25.05 -20.48 -18.76
C SER A 285 24.34 -19.79 -17.58
N GLY A 286 24.82 -19.97 -16.35
CA GLY A 286 24.20 -19.35 -15.17
C GLY A 286 24.25 -20.25 -13.98
N ALA A 287 23.24 -20.14 -13.11
CA ALA A 287 23.20 -20.90 -11.84
C ALA A 287 21.80 -21.51 -11.60
N THR A 288 21.81 -22.77 -11.21
CA THR A 288 20.62 -23.50 -10.71
C THR A 288 20.62 -23.35 -9.19
N ILE A 289 19.63 -22.62 -8.65
CA ILE A 289 19.51 -22.26 -7.22
C ILE A 289 18.33 -23.04 -6.67
N ARG A 290 18.60 -23.95 -5.76
CA ARG A 290 17.54 -24.66 -5.00
C ARG A 290 17.44 -23.96 -3.66
N PHE A 291 16.24 -23.64 -3.24
CA PHE A 291 16.04 -22.86 -2.00
C PHE A 291 14.82 -23.36 -1.26
N SER A 292 14.85 -23.13 0.04
N SER A 292 14.85 -23.15 0.05
CA SER A 292 13.73 -23.29 0.97
CA SER A 292 13.71 -23.32 0.97
C SER A 292 13.42 -21.92 1.59
C SER A 292 13.43 -21.96 1.63
N SER A 293 12.18 -21.71 2.01
CA SER A 293 11.78 -20.43 2.65
C SER A 293 10.53 -20.68 3.48
N SER A 294 10.15 -19.70 4.25
CA SER A 294 8.90 -19.77 5.04
C SER A 294 7.70 -19.55 4.12
N TRP A 295 7.91 -19.22 2.85
CA TRP A 295 6.84 -19.12 1.84
C TRP A 295 6.70 -20.42 1.02
N GLY A 296 7.61 -21.37 1.20
CA GLY A 296 7.70 -22.56 0.33
C GLY A 296 9.06 -22.65 -0.36
N ASP A 297 9.25 -23.73 -1.11
CA ASP A 297 10.55 -24.18 -1.66
C ASP A 297 10.47 -24.10 -3.19
N GLY A 298 11.61 -24.19 -3.87
CA GLY A 298 11.63 -23.94 -5.31
C GLY A 298 13.00 -24.11 -5.88
N GLU A 299 13.05 -24.04 -7.20
CA GLU A 299 14.28 -24.14 -8.00
C GLU A 299 14.19 -23.02 -9.03
N ILE A 300 15.23 -22.18 -9.09
CA ILE A 300 15.36 -21.01 -10.01
C ILE A 300 16.52 -21.28 -10.96
N GLU A 301 16.30 -21.10 -12.25
CA GLU A 301 17.39 -21.04 -13.25
C GLU A 301 17.75 -19.57 -13.43
N SER A 302 18.84 -19.12 -12.81
CA SER A 302 19.34 -17.73 -12.98
C SER A 302 20.27 -17.66 -14.20
N HIS A 303 20.15 -16.61 -15.01
CA HIS A 303 21.06 -16.31 -16.16
C HIS A 303 22.17 -15.37 -15.69
N LEU A 304 22.36 -15.18 -14.38
CA LEU A 304 23.41 -14.31 -13.81
C LEU A 304 24.56 -15.19 -13.33
N MET A 305 25.75 -14.62 -13.28
CA MET A 305 26.99 -15.36 -13.01
C MET A 305 27.56 -14.97 -11.63
N GLY A 306 28.05 -16.00 -10.91
CA GLY A 306 28.82 -15.82 -9.68
C GLY A 306 27.97 -15.90 -8.39
N ALA A 307 28.63 -16.04 -7.25
CA ALA A 307 27.99 -16.24 -5.92
C ALA A 307 27.28 -14.95 -5.47
N PHE A 308 27.87 -13.79 -5.74
CA PHE A 308 27.33 -12.49 -5.28
C PHE A 308 25.98 -12.27 -5.96
N ASN A 309 25.86 -12.70 -7.21
CA ASN A 309 24.59 -12.51 -7.96
C ASN A 309 23.55 -13.53 -7.52
N VAL A 310 23.92 -14.69 -6.97
CA VAL A 310 22.94 -15.58 -6.27
C VAL A 310 22.38 -14.82 -5.07
N SER A 311 23.25 -14.23 -4.27
CA SER A 311 22.83 -13.49 -3.06
C SER A 311 21.87 -12.36 -3.44
N ASN A 312 22.24 -11.57 -4.42
CA ASN A 312 21.46 -10.38 -4.86
C ASN A 312 20.08 -10.87 -5.30
N LEU A 313 20.05 -11.98 -6.04
N LEU A 313 20.06 -11.97 -6.06
CA LEU A 313 18.80 -12.57 -6.54
CA LEU A 313 18.83 -12.61 -6.57
C LEU A 313 17.95 -13.05 -5.36
C LEU A 313 17.96 -13.09 -5.39
N LEU A 314 18.56 -13.72 -4.39
CA LEU A 314 17.80 -14.21 -3.19
C LEU A 314 17.27 -13.01 -2.39
N LEU A 315 18.01 -11.92 -2.30
CA LEU A 315 17.49 -10.73 -1.59
C LEU A 315 16.29 -10.18 -2.34
N ALA A 316 16.36 -10.09 -3.66
CA ALA A 316 15.21 -9.59 -4.44
C ALA A 316 14.03 -10.53 -4.21
N LEU A 317 14.25 -11.85 -4.24
CA LEU A 317 13.15 -12.86 -4.11
C LEU A 317 12.47 -12.69 -2.75
N ALA A 318 13.26 -12.69 -1.68
CA ALA A 318 12.75 -12.58 -0.29
C ALA A 318 11.92 -11.30 -0.19
N THR A 319 12.42 -10.20 -0.77
CA THR A 319 11.75 -8.87 -0.69
C THR A 319 10.36 -8.98 -1.32
N LEU A 320 10.28 -9.54 -2.52
CA LEU A 320 9.01 -9.59 -3.26
C LEU A 320 8.06 -10.60 -2.58
N LEU A 321 8.55 -11.71 -2.03
CA LEU A 321 7.71 -12.62 -1.21
C LEU A 321 7.16 -11.85 0.01
N ALA A 322 8.02 -11.13 0.72
CA ALA A 322 7.68 -10.31 1.91
C ALA A 322 6.58 -9.30 1.55
N LEU A 323 6.61 -8.73 0.33
CA LEU A 323 5.60 -7.73 -0.09
C LEU A 323 4.34 -8.41 -0.62
N GLY A 324 4.32 -9.74 -0.71
CA GLY A 324 3.10 -10.48 -1.00
C GLY A 324 2.99 -10.89 -2.46
N TYR A 325 4.05 -10.81 -3.26
CA TYR A 325 4.01 -11.42 -4.62
C TYR A 325 4.06 -12.95 -4.49
N PRO A 326 3.18 -13.68 -5.20
CA PRO A 326 3.06 -15.12 -5.00
C PRO A 326 4.32 -15.88 -5.46
N LEU A 327 4.79 -16.79 -4.64
CA LEU A 327 5.99 -17.60 -4.98
C LEU A 327 5.86 -18.23 -6.38
N ALA A 328 4.71 -18.84 -6.72
CA ALA A 328 4.53 -19.55 -8.01
C ALA A 328 4.75 -18.56 -9.17
N ASP A 329 4.35 -17.31 -9.02
CA ASP A 329 4.49 -16.32 -10.12
C ASP A 329 5.96 -15.86 -10.19
N LEU A 330 6.64 -15.72 -9.04
CA LEU A 330 8.09 -15.37 -9.02
C LEU A 330 8.88 -16.50 -9.66
N LEU A 331 8.60 -17.75 -9.30
CA LEU A 331 9.31 -18.93 -9.91
C LEU A 331 9.09 -18.94 -11.43
N LYS A 332 7.89 -18.62 -11.90
CA LYS A 332 7.53 -18.72 -13.34
C LYS A 332 8.28 -17.67 -14.17
N THR A 333 8.70 -16.56 -13.57
CA THR A 333 9.30 -15.41 -14.29
C THR A 333 10.81 -15.32 -14.05
N ALA A 334 11.37 -16.13 -13.15
CA ALA A 334 12.78 -15.99 -12.73
C ALA A 334 13.74 -16.13 -13.93
N ALA A 335 13.43 -16.99 -14.88
CA ALA A 335 14.31 -17.27 -16.05
C ALA A 335 14.35 -16.06 -16.99
N ARG A 336 13.50 -15.05 -16.81
CA ARG A 336 13.53 -13.82 -17.65
C ARG A 336 14.41 -12.73 -17.02
N LEU A 337 14.89 -12.91 -15.78
CA LEU A 337 15.75 -11.90 -15.15
C LEU A 337 17.05 -11.83 -15.96
N GLN A 338 17.52 -10.62 -16.20
CA GLN A 338 18.68 -10.36 -17.10
C GLN A 338 19.81 -9.78 -16.29
N PRO A 339 21.08 -10.02 -16.66
CA PRO A 339 22.17 -9.30 -16.02
C PRO A 339 22.08 -7.79 -16.28
N VAL A 340 22.67 -6.99 -15.37
CA VAL A 340 22.91 -5.55 -15.60
C VAL A 340 23.86 -5.50 -16.81
N SER A 341 23.54 -4.73 -17.84
CA SER A 341 24.33 -4.71 -19.10
C SER A 341 25.83 -4.51 -18.78
N GLY A 342 26.69 -5.27 -19.44
CA GLY A 342 28.15 -5.20 -19.25
C GLY A 342 28.62 -5.68 -17.88
N ARG A 343 27.73 -6.31 -17.07
CA ARG A 343 28.08 -6.85 -15.74
C ARG A 343 27.95 -8.37 -15.74
N MET A 344 29.08 -9.06 -15.79
CA MET A 344 29.13 -10.55 -15.86
C MET A 344 28.05 -11.04 -16.83
N GLU A 345 28.05 -10.53 -18.06
CA GLU A 345 27.03 -10.85 -19.07
C GLU A 345 27.49 -12.08 -19.86
N VAL A 346 26.75 -13.18 -19.74
CA VAL A 346 27.16 -14.48 -20.30
C VAL A 346 26.63 -14.62 -21.73
N PHE A 347 27.50 -15.12 -22.59
CA PHE A 347 27.19 -15.46 -24.01
C PHE A 347 27.53 -16.92 -24.17
N THR A 348 26.55 -17.76 -24.50
CA THR A 348 26.79 -19.21 -24.74
C THR A 348 26.27 -19.50 -26.13
N ALA A 349 26.85 -20.50 -26.75
CA ALA A 349 26.37 -21.00 -28.03
C ALA A 349 26.60 -22.50 -28.00
N PRO A 350 25.68 -23.26 -28.64
CA PRO A 350 25.78 -24.72 -28.67
C PRO A 350 27.22 -25.15 -29.00
N GLY A 351 27.80 -25.99 -28.13
CA GLY A 351 29.15 -26.56 -28.32
C GLY A 351 30.25 -25.52 -28.55
N LYS A 352 30.12 -24.30 -28.02
CA LYS A 352 31.22 -23.27 -28.06
C LYS A 352 31.64 -22.98 -26.62
N PRO A 353 32.80 -22.34 -26.36
CA PRO A 353 33.17 -21.92 -25.00
C PRO A 353 32.20 -20.87 -24.44
N THR A 354 32.04 -20.83 -23.13
CA THR A 354 31.23 -19.77 -22.50
C THR A 354 32.03 -18.47 -22.51
N VAL A 355 31.39 -17.35 -22.84
CA VAL A 355 32.12 -16.06 -22.86
C VAL A 355 31.38 -15.11 -21.93
N VAL A 356 32.12 -14.45 -21.05
CA VAL A 356 31.53 -13.48 -20.10
C VAL A 356 32.11 -12.11 -20.42
N VAL A 357 31.26 -11.12 -20.63
CA VAL A 357 31.73 -9.74 -20.89
C VAL A 357 31.48 -8.95 -19.63
N ASP A 358 32.54 -8.40 -19.02
CA ASP A 358 32.36 -7.62 -17.77
C ASP A 358 33.16 -6.33 -17.85
N TYR A 359 32.67 -5.27 -17.19
CA TYR A 359 33.30 -3.93 -17.24
C TYR A 359 34.55 -3.85 -16.35
N ALA A 360 34.89 -4.87 -15.57
CA ALA A 360 36.03 -4.84 -14.60
C ALA A 360 37.25 -4.14 -15.23
N HIS A 361 37.67 -2.99 -14.69
CA HIS A 361 38.86 -2.26 -15.19
C HIS A 361 39.78 -1.80 -14.03
N THR A 362 39.69 -2.46 -12.87
CA THR A 362 40.52 -2.24 -11.66
C THR A 362 41.00 -3.59 -11.16
N PRO A 363 42.09 -3.64 -10.37
CA PRO A 363 42.55 -4.91 -9.83
C PRO A 363 41.45 -5.65 -9.05
N ASP A 364 40.77 -4.96 -8.13
CA ASP A 364 39.71 -5.59 -7.29
C ASP A 364 38.55 -6.08 -8.17
N ALA A 365 38.04 -5.31 -9.12
CA ALA A 365 36.92 -5.71 -9.99
C ALA A 365 37.35 -6.92 -10.84
N LEU A 366 38.60 -6.94 -11.32
CA LEU A 366 39.10 -8.06 -12.18
C LEU A 366 39.21 -9.32 -11.33
N GLU A 367 39.78 -9.22 -10.13
CA GLU A 367 39.87 -10.43 -9.26
C GLU A 367 38.45 -10.98 -9.00
N LYS A 368 37.49 -10.12 -8.67
CA LYS A 368 36.09 -10.55 -8.35
C LYS A 368 35.45 -11.19 -9.58
N ALA A 369 35.65 -10.60 -10.76
CA ALA A 369 35.06 -11.13 -12.02
C ALA A 369 35.63 -12.54 -12.30
N LEU A 370 36.96 -12.71 -12.16
CA LEU A 370 37.65 -14.03 -12.38
C LEU A 370 37.18 -15.05 -11.34
N GLN A 371 37.06 -14.66 -10.08
CA GLN A 371 36.59 -15.62 -9.03
C GLN A 371 35.15 -16.04 -9.32
N ALA A 372 34.30 -15.13 -9.78
CA ALA A 372 32.90 -15.39 -10.18
C ALA A 372 32.84 -16.30 -11.42
N ALA A 373 33.60 -15.98 -12.48
CA ALA A 373 33.69 -16.82 -13.69
C ALA A 373 34.21 -18.21 -13.33
N ARG A 374 35.20 -18.32 -12.44
CA ARG A 374 35.83 -19.62 -12.12
C ARG A 374 34.75 -20.63 -11.67
N LEU A 375 33.71 -20.18 -10.94
CA LEU A 375 32.68 -21.10 -10.39
C LEU A 375 31.96 -21.83 -11.52
N HIS A 376 31.82 -21.20 -12.68
CA HIS A 376 31.04 -21.70 -13.82
C HIS A 376 31.94 -22.48 -14.82
N CYS A 377 33.21 -22.63 -14.51
CA CYS A 377 34.29 -23.05 -15.46
C CYS A 377 34.79 -24.45 -15.11
N ALA A 378 34.41 -25.43 -15.90
CA ALA A 378 34.87 -26.85 -15.78
C ALA A 378 36.29 -26.97 -16.33
N GLY A 379 36.64 -26.18 -17.35
CA GLY A 379 37.94 -26.30 -18.03
C GLY A 379 38.91 -25.21 -17.62
N LYS A 380 39.48 -24.53 -18.62
CA LYS A 380 40.41 -23.40 -18.44
C LYS A 380 39.64 -22.08 -18.41
N LEU A 381 40.07 -21.18 -17.53
CA LEU A 381 39.55 -19.80 -17.46
C LEU A 381 40.54 -18.90 -18.21
N TRP A 382 40.02 -18.24 -19.24
CA TRP A 382 40.81 -17.27 -20.03
C TRP A 382 40.41 -15.88 -19.60
N CYS A 383 41.35 -14.95 -19.60
CA CYS A 383 41.09 -13.54 -19.27
C CYS A 383 41.68 -12.65 -20.36
N VAL A 384 40.81 -12.01 -21.15
CA VAL A 384 41.23 -11.03 -22.19
C VAL A 384 41.06 -9.64 -21.60
N PHE A 385 42.14 -8.87 -21.55
CA PHE A 385 42.04 -7.52 -20.97
C PHE A 385 43.25 -6.68 -21.35
N GLY A 386 43.10 -5.39 -21.05
CA GLY A 386 44.11 -4.35 -21.23
C GLY A 386 43.86 -3.24 -20.24
N CYS A 387 44.60 -2.14 -20.37
CA CYS A 387 44.47 -0.96 -19.48
C CYS A 387 44.49 0.32 -20.30
N GLY A 388 43.81 1.35 -19.81
CA GLY A 388 43.59 2.59 -20.53
C GLY A 388 44.90 3.34 -20.64
N GLY A 389 45.14 3.96 -21.77
CA GLY A 389 46.32 4.81 -21.96
C GLY A 389 46.06 6.20 -21.41
N ASP A 390 47.14 6.96 -21.15
CA ASP A 390 47.06 8.39 -20.73
C ASP A 390 46.25 8.50 -19.44
N ARG A 391 46.40 7.52 -18.54
CA ARG A 391 45.76 7.46 -17.22
C ARG A 391 46.75 6.85 -16.24
N ASP A 392 46.36 6.77 -14.98
CA ASP A 392 47.28 6.28 -13.92
C ASP A 392 47.77 4.87 -14.28
N LYS A 393 49.08 4.66 -14.21
CA LYS A 393 49.77 3.43 -14.65
C LYS A 393 49.80 2.43 -13.50
N GLY A 394 49.43 2.86 -12.28
CA GLY A 394 49.62 2.05 -11.05
C GLY A 394 48.89 0.71 -11.15
N LYS A 395 47.67 0.72 -11.68
CA LYS A 395 46.81 -0.47 -11.74
C LYS A 395 47.39 -1.53 -12.70
N ARG A 396 48.28 -1.17 -13.63
CA ARG A 396 48.68 -2.08 -14.74
C ARG A 396 49.38 -3.32 -14.20
N PRO A 397 50.51 -3.24 -13.46
CA PRO A 397 51.15 -4.45 -12.96
C PRO A 397 50.25 -5.25 -12.00
N LEU A 398 49.38 -4.57 -11.27
CA LEU A 398 48.48 -5.21 -10.25
C LEU A 398 47.41 -6.04 -10.99
N MET A 399 46.88 -5.50 -12.08
CA MET A 399 45.98 -6.27 -12.99
C MET A 399 46.71 -7.40 -13.72
N GLY A 400 47.96 -7.21 -14.15
CA GLY A 400 48.73 -8.38 -14.64
C GLY A 400 48.83 -9.48 -13.60
N ALA A 401 49.21 -9.13 -12.36
CA ALA A 401 49.44 -10.12 -11.28
C ALA A 401 48.13 -10.89 -11.03
N ILE A 402 47.00 -10.18 -11.06
CA ILE A 402 45.62 -10.72 -10.82
C ILE A 402 45.26 -11.71 -11.94
N ALA A 403 45.45 -11.31 -13.19
CA ALA A 403 45.16 -12.20 -14.35
C ALA A 403 46.03 -13.46 -14.30
N GLU A 404 47.32 -13.34 -13.98
CA GLU A 404 48.23 -14.50 -13.88
C GLU A 404 47.73 -15.42 -12.75
N GLU A 405 47.33 -14.86 -11.61
CA GLU A 405 46.96 -15.67 -10.43
C GLU A 405 45.62 -16.39 -10.67
N PHE A 406 44.58 -15.68 -11.11
CA PHE A 406 43.15 -16.10 -11.02
C PHE A 406 42.60 -16.58 -12.37
N ALA A 407 43.36 -16.41 -13.46
CA ALA A 407 43.04 -17.06 -14.75
C ALA A 407 44.06 -18.15 -15.06
N ASP A 408 43.70 -19.09 -15.92
CA ASP A 408 44.63 -20.11 -16.44
C ASP A 408 45.40 -19.54 -17.64
N VAL A 409 44.76 -18.70 -18.44
CA VAL A 409 45.41 -18.13 -19.67
C VAL A 409 45.12 -16.65 -19.66
N ALA A 410 46.17 -15.83 -19.63
CA ALA A 410 46.02 -14.36 -19.65
C ALA A 410 46.29 -13.92 -21.07
N VAL A 411 45.31 -13.29 -21.73
CA VAL A 411 45.54 -12.67 -23.06
C VAL A 411 45.55 -11.15 -22.89
N VAL A 412 46.71 -10.52 -22.95
CA VAL A 412 46.86 -9.06 -22.72
C VAL A 412 46.75 -8.38 -24.07
N THR A 413 45.85 -7.40 -24.16
CA THR A 413 45.51 -6.67 -25.38
C THR A 413 45.33 -5.20 -25.06
N ASP A 414 44.82 -4.44 -26.01
CA ASP A 414 44.59 -2.99 -25.91
C ASP A 414 43.22 -2.74 -25.33
N ASP A 415 43.10 -1.66 -24.57
CA ASP A 415 41.81 -1.10 -24.09
C ASP A 415 41.93 0.43 -23.98
N ASN A 416 41.49 1.16 -24.99
CA ASN A 416 41.54 2.65 -25.05
C ASN A 416 42.97 3.12 -24.79
N PRO A 417 43.92 2.76 -25.67
CA PRO A 417 45.30 3.23 -25.49
C PRO A 417 45.45 4.75 -25.67
N ARG A 418 44.48 5.44 -26.29
CA ARG A 418 44.50 6.92 -26.42
C ARG A 418 45.80 7.26 -27.15
N THR A 419 46.65 8.15 -26.63
CA THR A 419 47.88 8.60 -27.35
C THR A 419 49.11 7.84 -26.87
N GLU A 420 48.98 7.00 -25.84
CA GLU A 420 50.14 6.22 -25.32
C GLU A 420 50.47 5.05 -26.26
N GLU A 421 51.76 4.81 -26.50
CA GLU A 421 52.26 3.67 -27.28
C GLU A 421 51.55 2.41 -26.76
N PRO A 422 50.69 1.74 -27.55
CA PRO A 422 49.91 0.61 -27.00
C PRO A 422 50.77 -0.47 -26.33
N ARG A 423 51.88 -0.89 -26.96
CA ARG A 423 52.77 -1.92 -26.41
C ARG A 423 53.39 -1.52 -25.06
N ALA A 424 53.62 -0.22 -24.80
CA ALA A 424 54.18 0.28 -23.53
C ALA A 424 53.24 -0.07 -22.39
N ILE A 425 51.93 0.04 -22.61
CA ILE A 425 50.89 -0.31 -21.61
C ILE A 425 50.98 -1.81 -21.34
N ILE A 426 50.99 -2.62 -22.40
CA ILE A 426 51.09 -4.09 -22.28
C ILE A 426 52.37 -4.42 -21.47
N ASN A 427 53.49 -3.76 -21.74
CA ASN A 427 54.76 -4.00 -21.00
C ASN A 427 54.53 -3.75 -19.51
N ASP A 428 53.84 -2.67 -19.14
CA ASP A 428 53.63 -2.31 -17.71
C ASP A 428 52.78 -3.39 -17.04
N ILE A 429 51.81 -3.95 -17.79
CA ILE A 429 50.94 -5.06 -17.31
C ILE A 429 51.82 -6.29 -17.06
N LEU A 430 52.64 -6.70 -18.04
CA LEU A 430 53.47 -7.93 -17.99
C LEU A 430 54.50 -7.81 -16.86
N ALA A 431 54.97 -6.61 -16.56
CA ALA A 431 56.01 -6.39 -15.53
C ALA A 431 55.47 -6.80 -14.16
N GLY A 432 54.14 -6.73 -13.94
CA GLY A 432 53.50 -7.17 -12.68
C GLY A 432 53.45 -8.68 -12.51
N MET A 433 53.73 -9.47 -13.55
CA MET A 433 53.63 -10.94 -13.49
C MET A 433 54.95 -11.58 -13.04
N LEU A 434 54.83 -12.71 -12.37
CA LEU A 434 55.92 -13.63 -12.00
C LEU A 434 56.55 -14.22 -13.26
N ASP A 435 55.75 -14.63 -14.25
CA ASP A 435 56.23 -15.24 -15.51
C ASP A 435 55.46 -14.61 -16.67
N ALA A 436 55.87 -13.42 -17.06
CA ALA A 436 55.37 -12.65 -18.23
C ALA A 436 55.35 -13.55 -19.48
N GLY A 437 56.37 -14.41 -19.64
CA GLY A 437 56.48 -15.35 -20.77
C GLY A 437 55.29 -16.29 -20.88
N HIS A 438 54.56 -16.52 -19.79
CA HIS A 438 53.33 -17.36 -19.75
C HIS A 438 52.11 -16.62 -20.32
N ALA A 439 52.08 -15.29 -20.21
CA ALA A 439 51.06 -14.42 -20.81
C ALA A 439 51.08 -14.51 -22.35
N LYS A 440 49.90 -14.45 -22.95
CA LYS A 440 49.70 -14.28 -24.40
C LYS A 440 49.51 -12.79 -24.61
N VAL A 441 50.08 -12.25 -25.68
CA VAL A 441 49.90 -10.83 -26.02
C VAL A 441 49.35 -10.82 -27.45
N MET A 442 48.29 -10.08 -27.71
CA MET A 442 47.82 -9.89 -29.09
C MET A 442 47.18 -8.52 -29.14
N GLU A 443 47.62 -7.74 -30.12
CA GLU A 443 47.06 -6.42 -30.40
C GLU A 443 46.33 -6.49 -31.73
N GLY A 444 45.50 -5.46 -31.86
CA GLY A 444 44.07 -5.44 -32.04
C GLY A 444 43.39 -6.12 -30.86
N ARG A 445 42.45 -5.41 -30.22
CA ARG A 445 41.56 -6.05 -29.21
C ARG A 445 40.63 -7.06 -29.88
N ALA A 446 40.00 -6.69 -30.99
CA ALA A 446 39.10 -7.61 -31.72
C ALA A 446 39.84 -8.95 -31.99
N GLU A 447 41.12 -8.87 -32.34
CA GLU A 447 41.94 -10.05 -32.71
C GLU A 447 42.19 -10.90 -31.46
N ALA A 448 42.52 -10.24 -30.36
CA ALA A 448 42.82 -10.92 -29.08
C ALA A 448 41.55 -11.65 -28.60
N VAL A 449 40.41 -10.97 -28.68
CA VAL A 449 39.13 -11.60 -28.22
C VAL A 449 38.87 -12.84 -29.09
N THR A 450 39.05 -12.69 -30.41
CA THR A 450 38.86 -13.80 -31.37
C THR A 450 39.78 -14.97 -31.02
N SER A 451 41.05 -14.69 -30.78
CA SER A 451 42.08 -15.69 -30.46
C SER A 451 41.62 -16.53 -29.27
N ALA A 452 41.10 -15.89 -28.22
CA ALA A 452 40.62 -16.58 -26.99
C ALA A 452 39.40 -17.43 -27.33
N VAL A 453 38.42 -16.82 -27.96
CA VAL A 453 37.11 -17.47 -28.25
C VAL A 453 37.38 -18.66 -29.17
N MET A 454 38.26 -18.49 -30.16
CA MET A 454 38.41 -19.53 -31.22
C MET A 454 39.31 -20.66 -30.73
N GLN A 455 40.17 -20.43 -29.74
CA GLN A 455 41.10 -21.46 -29.22
C GLN A 455 40.51 -22.15 -27.99
N ALA A 456 39.69 -21.47 -27.21
CA ALA A 456 39.18 -22.02 -25.94
C ALA A 456 38.39 -23.30 -26.24
N LYS A 457 38.43 -24.28 -25.33
CA LYS A 457 37.61 -25.52 -25.45
C LYS A 457 36.15 -25.24 -25.06
N GLU A 458 35.29 -26.19 -25.40
CA GLU A 458 33.83 -26.15 -25.20
C GLU A 458 33.54 -25.94 -23.70
N ASN A 459 34.33 -26.49 -22.79
CA ASN A 459 34.07 -26.39 -21.34
C ASN A 459 34.93 -25.29 -20.71
N ASP A 460 35.58 -24.47 -21.53
CA ASP A 460 36.37 -23.32 -21.03
C ASP A 460 35.43 -22.15 -20.79
N VAL A 461 35.94 -21.15 -20.07
CA VAL A 461 35.26 -19.83 -19.91
C VAL A 461 36.27 -18.75 -20.29
N VAL A 462 35.81 -17.80 -21.09
CA VAL A 462 36.64 -16.64 -21.53
C VAL A 462 36.01 -15.41 -20.89
N LEU A 463 36.71 -14.78 -19.98
CA LEU A 463 36.32 -13.46 -19.44
C LEU A 463 36.92 -12.37 -20.34
N VAL A 464 36.08 -11.54 -20.93
CA VAL A 464 36.49 -10.34 -21.70
C VAL A 464 36.19 -9.11 -20.83
N ALA A 465 37.23 -8.55 -20.25
CA ALA A 465 37.11 -7.57 -19.16
C ALA A 465 37.52 -6.18 -19.62
N GLY A 466 36.85 -5.16 -19.08
CA GLY A 466 37.33 -3.77 -19.12
C GLY A 466 36.35 -2.81 -19.76
N LYS A 467 35.42 -3.28 -20.60
CA LYS A 467 34.57 -2.42 -21.43
C LYS A 467 33.09 -2.60 -21.06
N GLY A 468 32.63 -3.82 -20.75
CA GLY A 468 31.20 -4.03 -20.50
C GLY A 468 30.41 -3.65 -21.74
N HIS A 469 29.54 -2.64 -21.61
CA HIS A 469 28.65 -2.13 -22.71
C HIS A 469 29.21 -0.85 -23.33
N GLU A 470 30.44 -0.44 -22.94
CA GLU A 470 31.07 0.83 -23.40
C GLU A 470 31.61 0.57 -24.80
N ASP A 471 30.81 0.88 -25.83
CA ASP A 471 30.97 0.34 -27.21
C ASP A 471 31.85 1.26 -28.08
N TYR A 472 33.10 1.40 -27.68
CA TYR A 472 34.12 2.12 -28.47
C TYR A 472 35.50 1.67 -28.02
N GLN A 473 36.49 2.04 -28.85
CA GLN A 473 37.92 1.80 -28.59
C GLN A 473 38.64 3.09 -28.97
N ILE A 474 39.20 3.80 -27.98
CA ILE A 474 39.82 5.13 -28.21
C ILE A 474 41.28 4.92 -28.63
N VAL A 475 41.58 5.19 -29.92
CA VAL A 475 42.96 5.05 -30.48
C VAL A 475 43.37 6.43 -31.01
N GLY A 476 44.47 6.95 -30.51
CA GLY A 476 44.84 8.37 -30.63
C GLY A 476 43.72 9.21 -30.04
N ASN A 477 43.09 10.02 -30.89
CA ASN A 477 42.00 10.96 -30.53
C ASN A 477 40.68 10.45 -31.11
N GLN A 478 40.67 9.28 -31.78
CA GLN A 478 39.47 8.74 -32.48
C GLN A 478 38.73 7.81 -31.53
N ARG A 479 37.43 7.99 -31.41
CA ARG A 479 36.51 7.02 -30.76
C ARG A 479 36.04 6.04 -31.84
N LEU A 480 36.72 4.91 -32.00
CA LEU A 480 36.39 3.91 -33.04
C LEU A 480 35.20 3.07 -32.61
N ASP A 481 34.33 2.72 -33.56
CA ASP A 481 33.16 1.86 -33.31
C ASP A 481 33.73 0.48 -33.03
N TYR A 482 33.39 -0.05 -31.87
CA TYR A 482 33.91 -1.33 -31.35
C TYR A 482 33.05 -1.75 -30.17
N SER A 483 32.64 -3.02 -30.17
CA SER A 483 31.89 -3.61 -29.04
C SER A 483 32.46 -5.01 -28.75
N ASP A 484 32.83 -5.28 -27.50
CA ASP A 484 33.19 -6.62 -27.02
C ASP A 484 31.98 -7.55 -27.23
N ARG A 485 30.78 -7.09 -26.87
CA ARG A 485 29.52 -7.87 -26.97
C ARG A 485 29.26 -8.29 -28.44
N VAL A 486 29.39 -7.34 -29.38
CA VAL A 486 29.16 -7.60 -30.82
C VAL A 486 30.26 -8.55 -31.32
N THR A 487 31.53 -8.33 -30.98
CA THR A 487 32.61 -9.22 -31.44
C THR A 487 32.31 -10.67 -31.00
N VAL A 488 31.99 -10.84 -29.72
CA VAL A 488 31.77 -12.16 -29.10
C VAL A 488 30.51 -12.79 -29.76
N ALA A 489 29.42 -12.04 -29.88
CA ALA A 489 28.15 -12.56 -30.45
C ALA A 489 28.41 -13.10 -31.87
N ARG A 490 29.12 -12.33 -32.71
CA ARG A 490 29.43 -12.75 -34.10
C ARG A 490 30.27 -14.02 -34.12
N LEU A 491 31.30 -14.14 -33.27
CA LEU A 491 32.14 -15.37 -33.18
C LEU A 491 31.32 -16.59 -32.74
N LEU A 492 30.35 -16.40 -31.82
CA LEU A 492 29.56 -17.54 -31.29
C LEU A 492 28.34 -17.84 -32.19
N GLY A 493 28.01 -16.98 -33.14
CA GLY A 493 26.83 -17.15 -34.02
C GLY A 493 25.57 -16.82 -33.25
N VAL A 494 25.62 -15.80 -32.40
CA VAL A 494 24.43 -15.38 -31.62
C VAL A 494 24.25 -13.88 -31.82
N ILE A 495 23.24 -13.31 -31.17
CA ILE A 495 22.82 -11.89 -31.35
C ILE A 495 23.13 -11.12 -30.06
N ALA A 496 23.97 -10.09 -30.15
CA ALA A 496 24.30 -9.18 -29.03
C ALA A 496 23.05 -8.36 -28.72
N ARG B 5 -7.68 -15.09 -17.85
CA ARG B 5 -7.90 -16.06 -16.75
C ARG B 5 -7.72 -17.50 -17.26
N ASN B 6 -6.91 -18.28 -16.57
CA ASN B 6 -6.48 -19.65 -16.97
C ASN B 6 -6.43 -20.54 -15.72
N LEU B 7 -7.14 -21.67 -15.74
CA LEU B 7 -7.19 -22.69 -14.66
C LEU B 7 -5.78 -23.01 -14.15
N ARG B 8 -4.79 -23.09 -15.05
CA ARG B 8 -3.41 -23.48 -14.70
C ARG B 8 -2.77 -22.39 -13.81
N ASP B 9 -2.82 -21.14 -14.27
CA ASP B 9 -2.30 -19.97 -13.49
C ASP B 9 -3.08 -19.84 -12.17
N LEU B 10 -4.40 -19.87 -12.26
CA LEU B 10 -5.28 -19.82 -11.08
C LEU B 10 -4.77 -20.75 -9.99
N LEU B 11 -4.47 -22.02 -10.32
CA LEU B 11 -4.24 -23.06 -9.28
C LEU B 11 -2.76 -23.25 -8.95
N ALA B 12 -1.85 -22.59 -9.68
CA ALA B 12 -0.37 -22.71 -9.60
C ALA B 12 0.13 -22.65 -8.15
N PRO B 13 -0.40 -21.80 -7.25
CA PRO B 13 0.08 -21.81 -5.87
C PRO B 13 -0.24 -23.11 -5.11
N TRP B 14 -1.26 -23.88 -5.51
CA TRP B 14 -1.73 -25.05 -4.71
C TRP B 14 -1.63 -26.37 -5.50
N VAL B 15 -1.83 -26.33 -6.82
CA VAL B 15 -1.92 -27.53 -7.70
C VAL B 15 -0.96 -27.33 -8.87
N PRO B 16 0.31 -27.81 -8.75
CA PRO B 16 1.26 -27.71 -9.86
C PRO B 16 0.72 -28.62 -10.98
N ASP B 17 0.98 -28.30 -12.24
CA ASP B 17 0.52 -29.14 -13.37
C ASP B 17 -1.00 -29.33 -13.34
N ALA B 18 -1.77 -28.30 -12.97
CA ALA B 18 -3.19 -28.22 -13.36
C ALA B 18 -3.22 -27.97 -14.87
N PRO B 19 -4.18 -28.56 -15.62
CA PRO B 19 -4.28 -28.31 -17.06
C PRO B 19 -4.57 -26.85 -17.44
N SER B 20 -3.95 -26.38 -18.52
CA SER B 20 -4.25 -25.08 -19.18
C SER B 20 -5.67 -25.08 -19.74
N ARG B 21 -6.53 -24.14 -19.30
CA ARG B 21 -7.92 -23.88 -19.81
C ARG B 21 -8.25 -22.40 -19.61
N ALA B 22 -8.68 -21.71 -20.67
CA ALA B 22 -9.16 -20.31 -20.61
C ALA B 22 -10.47 -20.28 -19.82
N LEU B 23 -10.61 -19.36 -18.84
CA LEU B 23 -11.81 -19.27 -17.99
C LEU B 23 -12.48 -17.91 -18.21
N ARG B 24 -13.81 -17.86 -18.13
CA ARG B 24 -14.65 -16.64 -18.29
C ARG B 24 -14.99 -16.14 -16.88
N GLU B 25 -16.09 -16.62 -16.31
CA GLU B 25 -16.55 -16.20 -14.96
C GLU B 25 -16.28 -17.35 -13.99
N MET B 26 -16.33 -17.05 -12.70
CA MET B 26 -16.28 -18.01 -11.59
C MET B 26 -17.65 -17.97 -10.92
N THR B 27 -18.32 -19.12 -10.74
CA THR B 27 -19.67 -19.18 -10.10
C THR B 27 -19.81 -20.43 -9.23
N LEU B 28 -20.61 -20.31 -8.15
CA LEU B 28 -21.07 -21.40 -7.24
C LEU B 28 -22.44 -21.94 -7.67
N ASP B 29 -23.11 -21.29 -8.64
CA ASP B 29 -24.51 -21.59 -9.04
C ASP B 29 -24.50 -22.30 -10.40
N SER B 30 -24.75 -23.61 -10.38
CA SER B 30 -24.82 -24.47 -11.59
C SER B 30 -25.84 -23.90 -12.59
N ARG B 31 -26.86 -23.17 -12.11
CA ARG B 31 -27.96 -22.63 -12.96
C ARG B 31 -27.44 -21.50 -13.85
N VAL B 32 -26.46 -20.71 -13.40
CA VAL B 32 -25.88 -19.59 -14.21
C VAL B 32 -24.60 -20.06 -14.90
N ALA B 33 -24.05 -21.23 -14.52
CA ALA B 33 -22.78 -21.75 -15.07
C ALA B 33 -22.91 -21.86 -16.60
N ALA B 34 -22.23 -20.96 -17.33
CA ALA B 34 -22.28 -20.82 -18.80
C ALA B 34 -21.04 -21.45 -19.44
N ALA B 35 -20.96 -21.36 -20.78
CA ALA B 35 -19.80 -21.84 -21.58
C ALA B 35 -18.57 -20.99 -21.26
N GLY B 36 -17.45 -21.65 -20.93
CA GLY B 36 -16.16 -21.00 -20.63
C GLY B 36 -15.96 -20.72 -19.14
N ASP B 37 -16.98 -20.98 -18.31
CA ASP B 37 -16.99 -20.62 -16.86
C ASP B 37 -16.20 -21.62 -16.02
N LEU B 38 -15.79 -21.17 -14.83
CA LEU B 38 -15.32 -22.04 -13.75
C LEU B 38 -16.48 -22.23 -12.79
N PHE B 39 -16.96 -23.46 -12.67
CA PHE B 39 -17.99 -23.85 -11.69
C PHE B 39 -17.24 -24.35 -10.46
N VAL B 40 -17.65 -23.88 -9.29
CA VAL B 40 -17.06 -24.32 -8.01
C VAL B 40 -18.15 -25.03 -7.21
N ALA B 41 -17.91 -26.31 -6.90
CA ALA B 41 -18.85 -27.24 -6.24
C ALA B 41 -18.48 -27.37 -4.77
N VAL B 42 -19.24 -26.72 -3.87
CA VAL B 42 -18.91 -26.62 -2.42
C VAL B 42 -20.02 -27.29 -1.60
N VAL B 43 -19.70 -27.75 -0.40
CA VAL B 43 -20.66 -28.38 0.53
C VAL B 43 -20.97 -27.36 1.62
N GLY B 44 -22.27 -27.09 1.87
CA GLY B 44 -22.76 -26.26 2.99
C GLY B 44 -24.02 -25.49 2.60
N ALA B 47 -25.67 -28.19 1.34
CA ALA B 47 -26.56 -28.96 0.44
C ALA B 47 -25.75 -29.76 -0.60
N ASP B 48 -24.49 -29.36 -0.88
CA ASP B 48 -23.49 -30.12 -1.69
C ASP B 48 -23.69 -29.86 -3.19
N GLY B 49 -22.87 -28.97 -3.77
CA GLY B 49 -22.93 -28.58 -5.20
C GLY B 49 -22.26 -29.59 -6.12
N ARG B 50 -21.54 -30.59 -5.60
CA ARG B 50 -20.98 -31.69 -6.45
C ARG B 50 -22.14 -32.43 -7.13
N ARG B 51 -23.31 -32.43 -6.49
CA ARG B 51 -24.61 -32.93 -7.04
C ARG B 51 -24.84 -32.39 -8.46
N TYR B 52 -24.44 -31.14 -8.73
CA TYR B 52 -24.82 -30.41 -9.98
C TYR B 52 -23.65 -30.39 -10.97
N ILE B 53 -22.65 -31.27 -10.81
CA ILE B 53 -21.46 -31.29 -11.72
C ILE B 53 -21.89 -31.76 -13.11
N PRO B 54 -22.84 -32.71 -13.24
CA PRO B 54 -23.40 -33.05 -14.56
C PRO B 54 -24.08 -31.85 -15.25
N GLN B 55 -24.98 -31.15 -14.55
CA GLN B 55 -25.69 -29.93 -15.07
C GLN B 55 -24.67 -28.96 -15.65
N ALA B 56 -23.66 -28.58 -14.84
CA ALA B 56 -22.61 -27.60 -15.18
C ALA B 56 -21.84 -28.06 -16.42
N ILE B 57 -21.48 -29.34 -16.46
CA ILE B 57 -20.79 -29.98 -17.62
C ILE B 57 -21.69 -29.84 -18.86
N ALA B 58 -23.00 -30.07 -18.69
CA ALA B 58 -24.02 -30.03 -19.76
C ALA B 58 -24.21 -28.59 -20.27
N GLN B 59 -23.72 -27.58 -19.54
CA GLN B 59 -23.84 -26.15 -19.90
C GLN B 59 -22.49 -25.63 -20.43
N GLY B 60 -21.50 -26.51 -20.55
CA GLY B 60 -20.22 -26.23 -21.24
C GLY B 60 -19.21 -25.45 -20.40
N VAL B 61 -19.29 -25.50 -19.05
CA VAL B 61 -18.23 -24.91 -18.17
C VAL B 61 -16.87 -25.40 -18.66
N ALA B 62 -15.83 -24.55 -18.67
CA ALA B 62 -14.44 -24.91 -19.07
C ALA B 62 -13.77 -25.78 -18.00
N ALA B 63 -14.12 -25.61 -16.72
CA ALA B 63 -13.45 -26.32 -15.60
C ALA B 63 -14.31 -26.32 -14.35
N ILE B 64 -14.01 -27.25 -13.43
CA ILE B 64 -14.67 -27.40 -12.11
C ILE B 64 -13.59 -27.53 -11.03
N ILE B 65 -13.84 -26.86 -9.90
CA ILE B 65 -13.13 -27.05 -8.61
C ILE B 65 -14.17 -27.53 -7.61
N ALA B 66 -13.87 -28.62 -6.92
CA ALA B 66 -14.85 -29.38 -6.13
C ALA B 66 -14.28 -29.69 -4.74
N GLU B 67 -15.15 -29.68 -3.72
CA GLU B 67 -14.81 -30.11 -2.33
C GLU B 67 -14.23 -31.53 -2.38
N ALA B 68 -13.03 -31.74 -1.79
CA ALA B 68 -12.34 -33.06 -1.76
C ALA B 68 -13.09 -34.07 -0.88
N LYS B 69 -13.73 -33.62 0.21
CA LYS B 69 -14.22 -34.47 1.35
C LYS B 69 -15.00 -35.70 0.87
N ASP B 70 -14.45 -36.90 1.11
CA ASP B 70 -15.07 -38.25 0.99
C ASP B 70 -14.97 -38.79 -0.44
N GLU B 71 -14.44 -38.00 -1.38
CA GLU B 71 -14.55 -38.27 -2.83
C GLU B 71 -13.16 -38.34 -3.47
N ALA B 72 -12.20 -37.59 -2.93
CA ALA B 72 -10.89 -37.37 -3.58
C ALA B 72 -9.90 -36.81 -2.56
N THR B 73 -8.63 -36.75 -2.96
CA THR B 73 -7.52 -36.16 -2.17
C THR B 73 -7.37 -34.69 -2.57
N ASP B 74 -6.69 -33.92 -1.73
CA ASP B 74 -6.40 -32.47 -1.95
C ASP B 74 -5.52 -32.29 -3.19
N GLY B 75 -6.03 -31.59 -4.21
CA GLY B 75 -5.28 -31.33 -5.46
C GLY B 75 -5.40 -32.46 -6.48
N GLU B 76 -6.29 -33.43 -6.26
CA GLU B 76 -6.49 -34.53 -7.26
C GLU B 76 -7.13 -33.94 -8.52
N ILE B 77 -6.54 -34.23 -9.67
CA ILE B 77 -6.99 -33.78 -11.02
C ILE B 77 -7.75 -34.94 -11.67
N ARG B 78 -9.06 -34.80 -11.88
CA ARG B 78 -9.92 -35.78 -12.60
C ARG B 78 -10.55 -35.10 -13.82
N GLU B 79 -11.19 -35.88 -14.68
CA GLU B 79 -11.80 -35.42 -15.96
C GLU B 79 -13.20 -36.05 -16.09
N MET B 80 -14.16 -35.25 -16.57
CA MET B 80 -15.55 -35.69 -16.86
C MET B 80 -15.94 -35.03 -18.19
N HIS B 81 -16.12 -35.84 -19.24
CA HIS B 81 -16.52 -35.42 -20.60
C HIS B 81 -15.57 -34.30 -21.11
N GLY B 82 -14.27 -34.43 -20.86
CA GLY B 82 -13.26 -33.46 -21.34
C GLY B 82 -13.13 -32.22 -20.45
N VAL B 83 -13.88 -32.14 -19.35
CA VAL B 83 -13.81 -31.00 -18.39
C VAL B 83 -12.95 -31.41 -17.18
N PRO B 84 -11.83 -30.70 -16.91
CA PRO B 84 -11.04 -30.99 -15.70
C PRO B 84 -11.86 -30.64 -14.45
N VAL B 85 -11.95 -31.58 -13.52
CA VAL B 85 -12.59 -31.45 -12.18
C VAL B 85 -11.47 -31.62 -11.14
N ILE B 86 -11.11 -30.53 -10.46
CA ILE B 86 -9.98 -30.49 -9.50
C ILE B 86 -10.57 -30.37 -8.09
N TYR B 87 -10.16 -31.30 -7.22
CA TYR B 87 -10.67 -31.46 -5.85
C TYR B 87 -9.69 -30.72 -4.92
N LEU B 88 -10.25 -29.99 -3.96
CA LEU B 88 -9.48 -29.24 -2.95
C LEU B 88 -10.12 -29.54 -1.60
N SER B 89 -9.29 -29.87 -0.61
N SER B 89 -9.29 -29.87 -0.61
CA SER B 89 -9.71 -30.02 0.81
C SER B 89 -10.04 -28.63 1.36
N GLN B 90 -11.00 -28.52 2.28
CA GLN B 90 -11.36 -27.27 3.01
C GLN B 90 -11.66 -26.15 1.99
N LEU B 91 -12.47 -26.45 0.97
CA LEU B 91 -12.73 -25.50 -0.14
C LEU B 91 -13.47 -24.27 0.39
N ASN B 92 -14.34 -24.46 1.39
CA ASN B 92 -15.10 -23.33 2.00
C ASN B 92 -14.10 -22.35 2.60
N GLU B 93 -13.05 -22.83 3.28
CA GLU B 93 -12.03 -21.98 3.92
C GLU B 93 -11.15 -21.29 2.88
N ARG B 94 -10.94 -21.90 1.71
CA ARG B 94 -9.94 -21.40 0.72
C ARG B 94 -10.63 -20.64 -0.40
N LEU B 95 -11.95 -20.62 -0.39
CA LEU B 95 -12.74 -19.98 -1.48
C LEU B 95 -12.32 -18.52 -1.68
N SER B 96 -12.19 -17.74 -0.60
CA SER B 96 -11.77 -16.31 -0.69
C SER B 96 -10.42 -16.22 -1.42
N ALA B 97 -9.44 -17.04 -1.07
CA ALA B 97 -8.09 -17.00 -1.69
C ALA B 97 -8.21 -17.32 -3.19
N LEU B 98 -9.01 -18.33 -3.50
CA LEU B 98 -9.22 -18.79 -4.88
C LEU B 98 -9.81 -17.66 -5.71
N ALA B 99 -10.83 -17.00 -5.15
CA ALA B 99 -11.56 -15.90 -5.82
C ALA B 99 -10.65 -14.69 -5.91
N GLY B 100 -9.81 -14.45 -4.89
CA GLY B 100 -8.85 -13.33 -4.92
C GLY B 100 -7.92 -13.47 -6.12
N ARG B 101 -7.34 -14.65 -6.31
CA ARG B 101 -6.40 -14.88 -7.43
C ARG B 101 -7.16 -14.76 -8.76
N PHE B 102 -8.34 -15.40 -8.84
CA PHE B 102 -9.20 -15.34 -10.03
C PHE B 102 -9.39 -13.88 -10.44
N TYR B 103 -9.65 -12.97 -9.50
CA TYR B 103 -10.06 -11.57 -9.83
C TYR B 103 -8.90 -10.58 -9.67
N HIS B 104 -7.65 -11.05 -9.68
CA HIS B 104 -6.41 -10.21 -9.73
C HIS B 104 -6.22 -9.42 -8.43
N GLU B 105 -6.54 -10.05 -7.30
CA GLU B 105 -6.17 -9.57 -5.93
C GLU B 105 -6.63 -8.12 -5.77
N PRO B 106 -7.96 -7.86 -5.88
CA PRO B 106 -8.45 -6.49 -5.78
C PRO B 106 -8.02 -5.78 -4.46
N SER B 107 -7.95 -6.48 -3.34
CA SER B 107 -7.60 -5.83 -2.05
C SER B 107 -6.12 -5.40 -2.05
N ASP B 108 -5.30 -5.88 -2.97
CA ASP B 108 -3.91 -5.37 -3.16
C ASP B 108 -3.92 -4.17 -4.11
N ASN B 109 -5.05 -3.82 -4.72
CA ASN B 109 -5.07 -2.76 -5.77
C ASN B 109 -5.95 -1.59 -5.31
N LEU B 110 -6.40 -1.55 -4.05
CA LEU B 110 -6.96 -0.31 -3.43
C LEU B 110 -6.69 -0.39 -1.93
N ARG B 111 -7.00 0.65 -1.19
CA ARG B 111 -6.85 0.66 0.27
C ARG B 111 -8.18 0.19 0.87
N LEU B 112 -8.23 -1.00 1.44
CA LEU B 112 -9.48 -1.61 1.94
C LEU B 112 -9.49 -1.45 3.46
N VAL B 113 -10.55 -0.87 3.98
CA VAL B 113 -10.72 -0.71 5.44
C VAL B 113 -12.01 -1.45 5.82
N GLY B 114 -11.88 -2.36 6.77
CA GLY B 114 -12.98 -3.20 7.24
C GLY B 114 -13.56 -2.61 8.50
N VAL B 115 -14.89 -2.62 8.69
CA VAL B 115 -15.51 -2.16 9.97
C VAL B 115 -16.41 -3.27 10.51
N THR B 116 -16.22 -3.67 11.76
CA THR B 116 -17.04 -4.73 12.40
C THR B 116 -17.59 -4.21 13.73
N GLY B 117 -18.62 -4.91 14.22
CA GLY B 117 -19.29 -4.57 15.48
C GLY B 117 -20.79 -4.57 15.30
N THR B 118 -21.54 -4.46 16.39
CA THR B 118 -23.01 -4.55 16.37
C THR B 118 -23.58 -3.33 15.64
N ASN B 119 -23.17 -2.14 16.04
CA ASN B 119 -23.70 -0.84 15.55
C ASN B 119 -22.60 0.03 14.97
N GLY B 120 -22.98 0.96 14.10
CA GLY B 120 -22.11 2.02 13.58
C GLY B 120 -21.31 1.57 12.40
N LYS B 121 -21.53 0.34 11.90
CA LYS B 121 -20.78 -0.17 10.72
C LYS B 121 -21.11 0.70 9.52
N THR B 122 -22.40 0.96 9.25
CA THR B 122 -22.79 1.70 8.03
C THR B 122 -22.26 3.13 8.15
N THR B 123 -22.43 3.79 9.28
CA THR B 123 -22.02 5.21 9.40
C THR B 123 -20.49 5.29 9.35
N THR B 124 -19.77 4.40 10.02
CA THR B 124 -18.29 4.48 10.05
C THR B 124 -17.74 4.25 8.63
N THR B 125 -18.24 3.25 7.92
N THR B 125 -18.26 3.27 7.88
CA THR B 125 -17.87 2.98 6.51
CA THR B 125 -17.83 3.02 6.48
C THR B 125 -18.12 4.22 5.65
C THR B 125 -18.11 4.25 5.63
N GLN B 126 -19.30 4.85 5.77
CA GLN B 126 -19.65 6.04 4.96
C GLN B 126 -18.67 7.18 5.27
N LEU B 127 -18.35 7.44 6.54
CA LEU B 127 -17.41 8.52 6.91
C LEU B 127 -15.98 8.22 6.40
N LEU B 128 -15.51 6.97 6.52
CA LEU B 128 -14.20 6.59 5.95
C LEU B 128 -14.17 6.92 4.45
N ALA B 129 -15.15 6.45 3.70
CA ALA B 129 -15.19 6.63 2.22
C ALA B 129 -15.27 8.13 1.87
N GLN B 130 -16.15 8.88 2.53
CA GLN B 130 -16.31 10.34 2.28
C GLN B 130 -15.02 11.09 2.55
N TRP B 131 -14.40 10.84 3.72
CA TRP B 131 -13.27 11.64 4.20
C TRP B 131 -12.08 11.37 3.29
N SER B 132 -11.77 10.09 3.05
CA SER B 132 -10.66 9.69 2.16
C SER B 132 -10.88 10.33 0.78
N GLN B 133 -12.13 10.40 0.31
CA GLN B 133 -12.45 10.98 -1.02
C GLN B 133 -12.18 12.49 -0.96
N LEU B 134 -12.56 13.16 0.14
CA LEU B 134 -12.25 14.59 0.35
C LEU B 134 -10.73 14.83 0.34
N LEU B 135 -9.92 13.83 0.67
CA LEU B 135 -8.44 13.99 0.58
C LEU B 135 -7.95 13.50 -0.78
N GLY B 136 -8.81 13.18 -1.75
CA GLY B 136 -8.36 12.88 -3.13
C GLY B 136 -8.40 11.41 -3.52
N GLU B 137 -8.85 10.46 -2.68
CA GLU B 137 -9.15 9.09 -3.17
C GLU B 137 -10.40 9.12 -4.05
N ILE B 138 -10.53 8.09 -4.89
CA ILE B 138 -11.84 7.69 -5.48
C ILE B 138 -12.35 6.56 -4.60
N SER B 139 -13.34 6.87 -3.77
CA SER B 139 -13.73 6.00 -2.64
C SER B 139 -15.00 5.24 -3.02
N ALA B 140 -15.14 4.07 -2.42
CA ALA B 140 -16.28 3.17 -2.57
C ALA B 140 -16.69 2.62 -1.20
N VAL B 141 -17.89 2.09 -1.14
CA VAL B 141 -18.41 1.36 0.05
C VAL B 141 -18.94 0.02 -0.40
N MET B 142 -18.81 -0.97 0.49
CA MET B 142 -19.49 -2.27 0.40
C MET B 142 -20.18 -2.50 1.76
N GLY B 143 -21.50 -2.56 1.77
CA GLY B 143 -22.23 -2.77 3.04
C GLY B 143 -23.72 -3.00 2.84
N THR B 144 -24.52 -2.71 3.86
CA THR B 144 -25.95 -3.14 3.97
C THR B 144 -26.85 -2.31 3.03
N VAL B 145 -26.53 -1.03 2.81
CA VAL B 145 -27.18 -0.15 1.79
C VAL B 145 -26.86 -0.69 0.40
N GLY B 146 -25.67 -1.30 0.20
CA GLY B 146 -25.20 -1.84 -1.10
C GLY B 146 -23.73 -1.55 -1.36
N ASN B 147 -23.31 -1.73 -2.62
CA ASN B 147 -21.91 -1.56 -3.09
C ASN B 147 -21.86 -0.47 -4.17
N GLY B 148 -20.83 0.36 -4.16
CA GLY B 148 -20.51 1.24 -5.30
C GLY B 148 -19.56 2.35 -4.93
N LEU B 149 -19.06 3.07 -5.94
CA LEU B 149 -18.37 4.35 -5.73
C LEU B 149 -19.34 5.20 -4.92
N LEU B 150 -18.83 6.13 -4.13
CA LEU B 150 -19.67 7.06 -3.34
C LEU B 150 -20.67 7.77 -4.26
N GLY B 151 -21.94 7.77 -3.87
CA GLY B 151 -23.03 8.44 -4.62
C GLY B 151 -23.61 7.56 -5.71
N LYS B 152 -23.13 6.32 -5.86
CA LYS B 152 -23.59 5.35 -6.90
C LYS B 152 -23.71 3.98 -6.25
N VAL B 153 -24.24 3.95 -5.04
CA VAL B 153 -24.37 2.72 -4.22
C VAL B 153 -25.67 2.02 -4.68
N ILE B 154 -25.56 0.79 -5.18
CA ILE B 154 -26.69 -0.04 -5.70
C ILE B 154 -26.93 -1.18 -4.72
N PRO B 155 -28.17 -1.39 -4.21
CA PRO B 155 -28.49 -2.44 -3.24
C PRO B 155 -28.03 -3.88 -3.51
N GLY B 161 -24.45 -13.72 -0.46
CA GLY B 161 -23.13 -13.16 -0.82
C GLY B 161 -22.00 -14.04 -0.31
N SER B 162 -21.39 -14.83 -1.18
CA SER B 162 -20.28 -15.76 -0.86
C SER B 162 -18.91 -15.03 -0.87
N ALA B 163 -17.85 -15.76 -0.53
CA ALA B 163 -16.45 -15.28 -0.62
C ALA B 163 -16.11 -14.93 -2.06
N VAL B 164 -16.74 -15.59 -3.04
CA VAL B 164 -16.54 -15.28 -4.48
C VAL B 164 -17.16 -13.90 -4.80
N ASP B 165 -18.40 -13.67 -4.39
CA ASP B 165 -19.16 -12.43 -4.68
C ASP B 165 -18.40 -11.24 -4.09
N VAL B 166 -17.83 -11.40 -2.90
CA VAL B 166 -17.09 -10.30 -2.22
C VAL B 166 -15.88 -9.89 -3.08
N GLN B 167 -15.12 -10.87 -3.56
CA GLN B 167 -13.93 -10.63 -4.41
C GLN B 167 -14.37 -10.06 -5.76
N HIS B 168 -15.45 -10.59 -6.31
CA HIS B 168 -15.99 -10.16 -7.64
C HIS B 168 -16.37 -8.67 -7.55
N GLU B 169 -17.12 -8.31 -6.52
CA GLU B 169 -17.62 -6.92 -6.37
C GLU B 169 -16.45 -5.98 -6.11
N LEU B 170 -15.45 -6.40 -5.32
CA LEU B 170 -14.30 -5.53 -5.04
C LEU B 170 -13.50 -5.31 -6.32
N ALA B 171 -13.36 -6.35 -7.14
CA ALA B 171 -12.75 -6.28 -8.50
C ALA B 171 -13.53 -5.29 -9.39
N GLY B 172 -14.86 -5.35 -9.38
CA GLY B 172 -15.69 -4.39 -10.13
C GLY B 172 -15.36 -2.96 -9.74
N LEU B 173 -15.17 -2.70 -8.43
CA LEU B 173 -14.86 -1.35 -7.91
C LEU B 173 -13.47 -0.93 -8.35
N VAL B 174 -12.49 -1.85 -8.33
CA VAL B 174 -11.11 -1.56 -8.83
C VAL B 174 -11.26 -1.18 -10.32
N ASP B 175 -12.04 -1.94 -11.07
CA ASP B 175 -12.25 -1.73 -12.53
C ASP B 175 -12.83 -0.33 -12.76
N GLN B 176 -13.68 0.15 -11.85
CA GLN B 176 -14.35 1.46 -11.92
C GLN B 176 -13.41 2.58 -11.44
N GLY B 177 -12.18 2.28 -11.01
CA GLY B 177 -11.13 3.23 -10.59
C GLY B 177 -11.12 3.55 -9.09
N ALA B 178 -11.86 2.83 -8.26
CA ALA B 178 -11.81 3.04 -6.79
C ALA B 178 -10.37 2.84 -6.33
N THR B 179 -9.89 3.72 -5.46
CA THR B 179 -8.55 3.67 -4.82
C THR B 179 -8.70 3.41 -3.32
N PHE B 180 -9.92 3.41 -2.80
CA PHE B 180 -10.24 3.26 -1.37
C PHE B 180 -11.61 2.59 -1.28
N CYS B 181 -11.73 1.56 -0.46
CA CYS B 181 -13.04 0.95 -0.17
C CYS B 181 -13.20 0.77 1.34
N ALA B 182 -14.33 1.22 1.88
CA ALA B 182 -14.76 0.96 3.27
C ALA B 182 -15.85 -0.12 3.20
N MET B 183 -15.59 -1.25 3.83
CA MET B 183 -16.41 -2.47 3.80
C MET B 183 -16.96 -2.77 5.20
N GLU B 184 -18.28 -2.92 5.31
CA GLU B 184 -18.91 -3.50 6.50
C GLU B 184 -18.61 -4.98 6.54
N VAL B 185 -18.06 -5.48 7.64
CA VAL B 185 -17.83 -6.94 7.81
C VAL B 185 -18.65 -7.44 9.00
N SER B 186 -19.69 -8.22 8.77
CA SER B 186 -20.51 -8.79 9.87
C SER B 186 -19.69 -9.85 10.59
N SER B 187 -19.93 -10.02 11.89
CA SER B 187 -19.50 -11.17 12.72
C SER B 187 -19.73 -12.50 11.97
N HIS B 188 -20.89 -12.71 11.35
CA HIS B 188 -21.23 -13.98 10.67
C HIS B 188 -20.42 -14.11 9.37
N GLY B 189 -20.26 -13.00 8.62
CA GLY B 189 -19.35 -12.95 7.45
C GLY B 189 -17.97 -13.53 7.80
N LEU B 190 -17.36 -13.05 8.89
CA LEU B 190 -15.99 -13.48 9.33
C LEU B 190 -15.98 -15.00 9.59
N VAL B 191 -16.91 -15.47 10.41
CA VAL B 191 -17.05 -16.93 10.77
C VAL B 191 -17.20 -17.77 9.49
N GLN B 192 -17.91 -17.29 8.49
CA GLN B 192 -18.21 -18.05 7.24
C GLN B 192 -17.05 -17.88 6.24
N HIS B 193 -15.93 -17.27 6.63
CA HIS B 193 -14.71 -17.11 5.79
C HIS B 193 -15.03 -16.31 4.52
N ARG B 194 -15.99 -15.39 4.59
CA ARG B 194 -16.36 -14.57 3.40
C ARG B 194 -15.30 -13.52 3.07
N VAL B 195 -14.40 -13.18 4.01
CA VAL B 195 -13.35 -12.14 3.80
C VAL B 195 -11.96 -12.70 4.15
N ALA B 196 -11.85 -14.02 4.21
CA ALA B 196 -10.65 -14.74 4.72
C ALA B 196 -9.36 -14.33 3.98
N ALA B 197 -9.36 -14.04 2.69
CA ALA B 197 -8.10 -13.74 1.95
C ALA B 197 -7.97 -12.26 1.58
N LEU B 198 -8.88 -11.39 2.03
CA LEU B 198 -8.76 -9.94 1.74
C LEU B 198 -7.61 -9.39 2.57
N LYS B 199 -6.82 -8.55 1.96
CA LYS B 199 -5.75 -7.79 2.67
C LYS B 199 -6.30 -6.42 3.11
N PHE B 200 -6.77 -6.33 4.33
CA PHE B 200 -7.27 -5.07 4.92
C PHE B 200 -6.07 -4.19 5.27
N ALA B 201 -6.10 -2.93 4.88
CA ALA B 201 -5.10 -1.93 5.34
C ALA B 201 -5.33 -1.68 6.82
N ALA B 202 -6.58 -1.68 7.22
CA ALA B 202 -7.01 -1.39 8.61
C ALA B 202 -8.35 -2.04 8.86
N SER B 203 -8.64 -2.28 10.12
CA SER B 203 -9.94 -2.79 10.55
C SER B 203 -10.33 -2.10 11.84
N VAL B 204 -11.63 -1.88 11.97
CA VAL B 204 -12.22 -1.01 12.99
C VAL B 204 -13.23 -1.87 13.76
N PHE B 205 -13.21 -1.76 15.08
CA PHE B 205 -14.18 -2.38 16.01
C PHE B 205 -14.97 -1.26 16.66
N THR B 206 -16.27 -1.17 16.35
CA THR B 206 -17.19 -0.14 16.91
C THR B 206 -17.68 -0.56 18.30
N ASN B 207 -18.35 -1.71 18.40
CA ASN B 207 -18.96 -2.14 19.68
C ASN B 207 -19.50 -3.58 19.57
N LEU B 208 -19.83 -4.17 20.72
CA LEU B 208 -20.52 -5.48 20.82
C LEU B 208 -21.65 -5.33 21.86
N SER B 209 -22.90 -5.57 21.49
CA SER B 209 -24.05 -5.71 22.43
C SER B 209 -23.98 -7.06 23.14
N ASP B 218 -18.51 -20.08 28.49
CA ASP B 218 -19.29 -19.54 27.33
C ASP B 218 -18.57 -18.30 26.79
N MET B 219 -18.32 -17.29 27.64
CA MET B 219 -17.49 -16.11 27.30
C MET B 219 -16.07 -16.59 26.92
N GLU B 220 -15.61 -17.70 27.51
CA GLU B 220 -14.30 -18.32 27.18
C GLU B 220 -14.33 -18.91 25.77
N HIS B 221 -15.39 -19.65 25.36
CA HIS B 221 -15.47 -20.24 24.00
C HIS B 221 -15.65 -19.13 22.94
N TYR B 222 -16.44 -18.08 23.24
CA TYR B 222 -16.68 -16.98 22.28
C TYR B 222 -15.34 -16.30 21.97
N GLU B 223 -14.64 -15.84 23.01
CA GLU B 223 -13.32 -15.15 22.89
C GLU B 223 -12.35 -16.06 22.14
N ALA B 224 -12.31 -17.35 22.44
CA ALA B 224 -11.32 -18.29 21.85
C ALA B 224 -11.57 -18.39 20.34
N ALA B 225 -12.83 -18.61 19.98
CA ALA B 225 -13.23 -18.74 18.56
C ALA B 225 -12.86 -17.45 17.79
N LYS B 226 -13.11 -16.27 18.36
CA LYS B 226 -12.83 -14.97 17.68
C LYS B 226 -11.31 -14.75 17.52
N TRP B 227 -10.53 -14.99 18.57
CA TRP B 227 -9.05 -14.83 18.51
C TRP B 227 -8.46 -15.77 17.46
N LEU B 228 -8.92 -17.01 17.42
CA LEU B 228 -8.45 -18.00 16.44
C LEU B 228 -8.70 -17.43 15.04
N LEU B 229 -9.93 -16.97 14.81
CA LEU B 229 -10.38 -16.41 13.49
C LEU B 229 -9.49 -15.22 13.15
N TYR B 230 -9.26 -14.35 14.13
CA TYR B 230 -8.45 -13.11 13.95
C TYR B 230 -7.03 -13.50 13.52
N SER B 231 -6.45 -14.49 14.17
CA SER B 231 -5.05 -14.93 13.93
C SER B 231 -4.89 -15.43 12.50
N GLU B 232 -6.00 -15.84 11.88
CA GLU B 232 -6.02 -16.39 10.49
C GLU B 232 -6.23 -15.28 9.44
N HIS B 233 -6.62 -14.06 9.85
CA HIS B 233 -7.01 -13.01 8.86
C HIS B 233 -5.83 -12.04 8.65
N HIS B 234 -5.92 -11.22 7.61
CA HIS B 234 -4.92 -10.17 7.24
C HIS B 234 -5.61 -8.82 7.48
N CYS B 235 -5.68 -8.36 8.73
CA CYS B 235 -6.60 -7.25 9.11
C CYS B 235 -5.87 -5.92 9.22
N GLY B 236 -4.56 -5.91 8.98
CA GLY B 236 -3.74 -4.69 9.01
C GLY B 236 -3.86 -3.98 10.38
N GLN B 237 -3.83 -2.66 10.37
CA GLN B 237 -3.92 -1.87 11.62
C GLN B 237 -5.30 -2.03 12.26
N ALA B 238 -5.27 -2.17 13.56
CA ALA B 238 -6.45 -2.35 14.43
C ALA B 238 -6.78 -0.99 15.06
N ILE B 239 -8.04 -0.59 14.94
CA ILE B 239 -8.59 0.66 15.50
C ILE B 239 -9.84 0.24 16.28
N ILE B 240 -9.80 0.49 17.58
CA ILE B 240 -10.72 -0.14 18.54
C ILE B 240 -11.33 0.94 19.44
N ASN B 241 -12.65 0.90 19.52
CA ASN B 241 -13.42 1.72 20.48
C ASN B 241 -13.14 1.27 21.92
N ALA B 242 -12.38 2.05 22.68
CA ALA B 242 -11.96 1.72 24.06
C ALA B 242 -13.11 2.02 25.02
N ASP B 243 -14.21 2.60 24.55
CA ASP B 243 -15.39 2.86 25.39
C ASP B 243 -16.26 1.60 25.47
N ASP B 244 -15.99 0.59 24.68
CA ASP B 244 -16.72 -0.70 24.76
C ASP B 244 -15.90 -1.64 25.63
N GLU B 245 -16.54 -2.34 26.56
CA GLU B 245 -15.90 -3.26 27.55
C GLU B 245 -15.15 -4.37 26.79
N VAL B 246 -15.72 -4.86 25.70
CA VAL B 246 -15.10 -5.94 24.89
C VAL B 246 -13.94 -5.34 24.05
N GLY B 247 -14.15 -4.15 23.49
CA GLY B 247 -13.03 -3.41 22.88
C GLY B 247 -11.84 -3.34 23.79
N ARG B 248 -12.03 -3.02 25.08
CA ARG B 248 -10.89 -2.92 26.03
C ARG B 248 -10.23 -4.30 26.24
N ARG B 249 -10.98 -5.38 26.30
CA ARG B 249 -10.38 -6.75 26.38
C ARG B 249 -9.47 -6.99 25.17
N TRP B 250 -9.92 -6.67 23.97
CA TRP B 250 -9.13 -6.84 22.73
C TRP B 250 -7.90 -5.94 22.79
N LEU B 251 -8.05 -4.64 23.17
CA LEU B 251 -6.90 -3.71 23.23
C LEU B 251 -5.82 -4.26 24.18
N ALA B 252 -6.21 -4.94 25.24
CA ALA B 252 -5.22 -5.44 26.25
C ALA B 252 -4.27 -6.44 25.57
N LYS B 253 -4.70 -7.10 24.48
CA LYS B 253 -3.88 -8.11 23.80
C LYS B 253 -3.26 -7.58 22.49
N LEU B 254 -3.45 -6.30 22.16
CA LEU B 254 -3.05 -5.74 20.86
C LEU B 254 -2.33 -4.42 21.10
N PRO B 255 -1.04 -4.45 21.50
CA PRO B 255 -0.30 -3.25 21.87
C PRO B 255 -0.12 -2.21 20.74
N ASP B 256 -0.21 -2.62 19.46
CA ASP B 256 -0.04 -1.76 18.26
C ASP B 256 -1.41 -1.26 17.76
N ALA B 257 -2.51 -1.66 18.39
CA ALA B 257 -3.87 -1.18 18.08
C ALA B 257 -3.98 0.26 18.54
N VAL B 258 -4.81 1.04 17.84
CA VAL B 258 -5.12 2.44 18.20
C VAL B 258 -6.35 2.44 19.10
N ALA B 259 -6.23 2.98 20.32
CA ALA B 259 -7.34 3.07 21.28
C ALA B 259 -8.09 4.40 21.04
N VAL B 260 -9.41 4.34 20.90
CA VAL B 260 -10.26 5.51 20.63
C VAL B 260 -11.29 5.65 21.74
N SER B 261 -11.45 6.87 22.27
CA SER B 261 -12.34 7.11 23.43
C SER B 261 -12.99 8.49 23.41
N MET B 262 -14.23 8.59 23.92
CA MET B 262 -14.88 9.89 24.21
C MET B 262 -15.40 9.86 25.64
N GLU B 263 -15.03 8.84 26.43
CA GLU B 263 -15.54 8.59 27.81
C GLU B 263 -14.36 8.22 28.72
N ASP B 264 -13.18 8.77 28.45
CA ASP B 264 -11.98 8.74 29.33
C ASP B 264 -11.46 7.31 29.57
N HIS B 265 -11.34 6.45 28.55
CA HIS B 265 -10.79 5.07 28.68
C HIS B 265 -9.39 4.92 28.05
N ILE B 266 -8.70 5.99 27.71
CA ILE B 266 -7.29 5.94 27.24
C ILE B 266 -6.40 5.82 28.49
N ASN B 267 -5.55 4.79 28.55
CA ASN B 267 -4.51 4.64 29.61
C ASN B 267 -3.17 5.11 29.04
N PRO B 268 -2.74 6.34 29.37
CA PRO B 268 -1.48 6.86 28.84
C PRO B 268 -0.26 6.04 29.30
N ASN B 269 -0.36 5.23 30.37
CA ASN B 269 0.77 4.34 30.80
C ASN B 269 1.15 3.35 29.68
N SER B 270 0.28 3.05 28.73
CA SER B 270 0.55 1.99 27.72
C SER B 270 1.54 2.44 26.63
N HIS B 271 1.74 3.76 26.48
CA HIS B 271 2.55 4.41 25.40
C HIS B 271 2.12 3.92 24.02
N GLY B 272 0.84 3.61 23.82
CA GLY B 272 0.32 3.16 22.53
C GLY B 272 -0.19 4.34 21.72
N ARG B 273 -0.72 4.07 20.55
CA ARG B 273 -1.40 5.12 19.76
C ARG B 273 -2.82 5.30 20.30
N TRP B 274 -3.31 6.53 20.30
CA TRP B 274 -4.61 6.84 20.94
C TRP B 274 -5.21 8.11 20.34
N LEU B 275 -6.54 8.23 20.49
CA LEU B 275 -7.29 9.45 20.14
C LEU B 275 -8.51 9.53 21.07
N LYS B 276 -8.72 10.70 21.65
CA LYS B 276 -9.80 10.86 22.63
C LYS B 276 -10.44 12.24 22.48
N ALA B 277 -11.75 12.23 22.59
CA ALA B 277 -12.51 13.49 22.65
C ALA B 277 -12.30 14.00 24.08
N THR B 278 -11.84 15.22 24.24
CA THR B 278 -11.66 15.86 25.56
C THR B 278 -12.89 16.72 25.87
N GLU B 279 -13.54 17.26 24.84
CA GLU B 279 -14.80 18.03 25.04
C GLU B 279 -15.70 17.86 23.82
N VAL B 280 -16.99 17.76 24.06
CA VAL B 280 -17.98 17.78 22.97
C VAL B 280 -19.07 18.75 23.36
N ASN B 281 -19.35 19.71 22.51
CA ASN B 281 -20.56 20.57 22.63
C ASN B 281 -21.58 20.04 21.61
N TYR B 282 -22.73 19.56 22.08
CA TYR B 282 -23.83 19.17 21.18
C TYR B 282 -24.72 20.39 20.95
N HIS B 283 -24.76 20.90 19.73
CA HIS B 283 -25.53 22.13 19.44
C HIS B 283 -26.60 21.85 18.39
N ASP B 284 -27.24 22.91 17.91
CA ASP B 284 -28.50 22.76 17.16
C ASP B 284 -28.21 22.28 15.74
N SER B 285 -26.95 22.22 15.28
CA SER B 285 -26.61 21.85 13.88
C SER B 285 -25.58 20.71 13.80
N GLY B 286 -25.23 20.11 14.94
CA GLY B 286 -24.19 19.09 15.00
C GLY B 286 -23.43 19.17 16.30
N ALA B 287 -22.15 18.85 16.25
CA ALA B 287 -21.33 18.69 17.46
C ALA B 287 -19.96 19.32 17.21
N THR B 288 -19.49 20.11 18.18
CA THR B 288 -18.12 20.63 18.24
C THR B 288 -17.29 19.67 19.09
N ILE B 289 -16.32 19.02 18.46
CA ILE B 289 -15.55 17.91 19.06
C ILE B 289 -14.13 18.39 19.21
N ARG B 290 -13.68 18.56 20.45
CA ARG B 290 -12.24 18.82 20.72
C ARG B 290 -11.62 17.49 21.10
N PHE B 291 -10.48 17.17 20.50
CA PHE B 291 -9.77 15.90 20.71
C PHE B 291 -8.28 16.13 20.82
N SER B 292 -7.64 15.16 21.48
N SER B 292 -7.63 15.19 21.50
CA SER B 292 -6.18 14.97 21.55
CA SER B 292 -6.16 15.00 21.51
C SER B 292 -5.84 13.59 20.99
C SER B 292 -5.86 13.62 20.94
N SER B 293 -4.63 13.39 20.52
CA SER B 293 -4.23 12.10 19.91
C SER B 293 -2.70 12.06 19.86
N SER B 294 -2.14 10.90 19.65
CA SER B 294 -0.67 10.78 19.43
C SER B 294 -0.25 11.39 18.08
N TRP B 295 -1.19 11.86 17.23
CA TRP B 295 -0.89 12.59 15.98
C TRP B 295 -0.99 14.11 16.19
N GLY B 296 -1.38 14.57 17.37
CA GLY B 296 -1.69 15.98 17.67
C GLY B 296 -3.17 16.21 17.96
N ASP B 297 -3.51 17.45 18.24
CA ASP B 297 -4.83 17.85 18.79
C ASP B 297 -5.59 18.65 17.75
N GLY B 298 -6.87 18.90 17.99
CA GLY B 298 -7.64 19.63 17.01
C GLY B 298 -9.06 19.82 17.49
N GLU B 299 -9.84 20.42 16.62
CA GLU B 299 -11.25 20.74 16.84
C GLU B 299 -11.97 20.51 15.52
N ILE B 300 -13.04 19.72 15.55
CA ILE B 300 -13.84 19.35 14.34
C ILE B 300 -15.28 19.84 14.56
N GLU B 301 -15.88 20.45 13.55
CA GLU B 301 -17.33 20.74 13.49
C GLU B 301 -18.00 19.59 12.74
N SER B 302 -18.65 18.68 13.47
CA SER B 302 -19.41 17.56 12.87
C SER B 302 -20.82 18.05 12.56
N HIS B 303 -21.36 17.66 11.41
CA HIS B 303 -22.77 17.90 11.04
C HIS B 303 -23.63 16.68 11.37
N LEU B 304 -23.10 15.70 12.12
CA LEU B 304 -23.80 14.47 12.54
C LEU B 304 -24.31 14.70 13.97
N MET B 305 -25.34 13.95 14.33
CA MET B 305 -26.08 14.14 15.59
C MET B 305 -25.87 12.94 16.49
N GLY B 306 -25.72 13.22 17.80
CA GLY B 306 -25.74 12.24 18.89
C GLY B 306 -24.32 11.76 19.23
N ALA B 307 -24.18 11.15 20.39
CA ALA B 307 -22.87 10.71 20.94
C ALA B 307 -22.30 9.53 20.13
N PHE B 308 -23.15 8.59 19.68
CA PHE B 308 -22.67 7.40 18.91
C PHE B 308 -22.03 7.86 17.59
N ASN B 309 -22.52 8.91 16.96
CA ASN B 309 -21.90 9.46 15.73
C ASN B 309 -20.61 10.24 16.04
N VAL B 310 -20.42 10.76 17.25
CA VAL B 310 -19.09 11.34 17.62
C VAL B 310 -18.08 10.17 17.62
N SER B 311 -18.48 9.05 18.22
CA SER B 311 -17.64 7.84 18.34
C SER B 311 -17.30 7.30 16.94
N ASN B 312 -18.30 7.18 16.08
CA ASN B 312 -18.09 6.69 14.70
C ASN B 312 -17.11 7.63 13.97
N LEU B 313 -17.28 8.94 14.12
CA LEU B 313 -16.39 9.92 13.45
C LEU B 313 -14.97 9.82 14.04
N LEU B 314 -14.82 9.72 15.35
CA LEU B 314 -13.47 9.53 15.96
C LEU B 314 -12.81 8.23 15.48
N LEU B 315 -13.57 7.14 15.33
CA LEU B 315 -12.99 5.90 14.80
C LEU B 315 -12.51 6.11 13.37
N ALA B 316 -13.29 6.77 12.53
CA ALA B 316 -12.86 7.05 11.15
C ALA B 316 -11.62 7.94 11.17
N LEU B 317 -11.60 9.01 11.96
CA LEU B 317 -10.41 9.91 12.08
C LEU B 317 -9.18 9.11 12.49
N ALA B 318 -9.30 8.30 13.53
CA ALA B 318 -8.17 7.52 14.07
C ALA B 318 -7.62 6.58 13.00
N THR B 319 -8.52 5.96 12.22
CA THR B 319 -8.19 4.99 11.15
C THR B 319 -7.40 5.73 10.07
N LEU B 320 -7.91 6.87 9.60
CA LEU B 320 -7.23 7.59 8.51
C LEU B 320 -5.87 8.14 9.01
N LEU B 321 -5.77 8.62 10.27
CA LEU B 321 -4.45 9.03 10.83
C LEU B 321 -3.50 7.82 10.85
N ALA B 322 -4.00 6.66 11.30
CA ALA B 322 -3.21 5.40 11.39
C ALA B 322 -2.67 5.06 10.00
N LEU B 323 -3.47 5.28 8.95
CA LEU B 323 -3.07 4.94 7.56
C LEU B 323 -2.16 6.00 6.97
N GLY B 324 -1.95 7.13 7.63
CA GLY B 324 -0.96 8.12 7.22
C GLY B 324 -1.57 9.33 6.53
N TYR B 325 -2.90 9.52 6.55
CA TYR B 325 -3.47 10.77 6.03
C TYR B 325 -3.15 11.88 7.02
N PRO B 326 -2.67 13.05 6.55
CA PRO B 326 -2.19 14.07 7.48
C PRO B 326 -3.32 14.74 8.29
N LEU B 327 -3.08 14.89 9.58
CA LEU B 327 -4.05 15.55 10.49
C LEU B 327 -4.55 16.87 9.90
N ALA B 328 -3.68 17.76 9.38
CA ALA B 328 -4.12 19.12 8.94
C ALA B 328 -5.15 18.96 7.81
N ASP B 329 -5.00 17.94 6.96
CA ASP B 329 -5.89 17.73 5.80
C ASP B 329 -7.23 17.16 6.30
N LEU B 330 -7.20 16.25 7.27
CA LEU B 330 -8.43 15.68 7.86
C LEU B 330 -9.24 16.81 8.53
N LEU B 331 -8.58 17.64 9.33
CA LEU B 331 -9.22 18.81 10.01
C LEU B 331 -9.87 19.76 8.99
N LYS B 332 -9.23 20.01 7.85
CA LYS B 332 -9.66 21.00 6.83
C LYS B 332 -10.92 20.50 6.12
N THR B 333 -11.20 19.19 6.13
CA THR B 333 -12.27 18.55 5.31
C THR B 333 -13.41 18.05 6.21
N ALA B 334 -13.25 18.01 7.53
CA ALA B 334 -14.21 17.35 8.46
C ALA B 334 -15.60 17.98 8.36
N ALA B 335 -15.67 19.28 8.10
CA ALA B 335 -16.95 20.04 8.07
C ALA B 335 -17.75 19.65 6.82
N ARG B 336 -17.13 18.96 5.87
CA ARG B 336 -17.84 18.49 4.65
C ARG B 336 -18.41 17.09 4.85
N LEU B 337 -18.13 16.39 5.96
CA LEU B 337 -18.68 15.03 6.18
C LEU B 337 -20.20 15.15 6.39
N GLN B 338 -20.96 14.25 5.79
CA GLN B 338 -22.43 14.34 5.84
C GLN B 338 -22.99 13.09 6.49
N PRO B 339 -24.20 13.18 7.05
CA PRO B 339 -24.88 12.02 7.58
C PRO B 339 -25.27 11.02 6.50
N VAL B 340 -25.44 9.76 6.88
CA VAL B 340 -26.15 8.75 6.04
C VAL B 340 -27.58 9.28 5.86
N SER B 341 -28.08 9.31 4.63
CA SER B 341 -29.41 9.92 4.33
C SER B 341 -30.47 9.23 5.20
N GLY B 342 -31.34 10.01 5.84
CA GLY B 342 -32.41 9.48 6.69
C GLY B 342 -31.89 8.91 7.98
N ARG B 343 -30.60 9.09 8.31
CA ARG B 343 -30.05 8.66 9.61
C ARG B 343 -29.67 9.93 10.38
N MET B 344 -30.50 10.30 11.35
CA MET B 344 -30.27 11.49 12.24
C MET B 344 -29.83 12.67 11.39
N GLU B 345 -30.56 12.91 10.32
CA GLU B 345 -30.25 13.97 9.35
C GLU B 345 -30.86 15.29 9.85
N VAL B 346 -30.00 16.28 10.13
CA VAL B 346 -30.40 17.57 10.73
C VAL B 346 -30.73 18.57 9.63
N PHE B 347 -31.83 19.27 9.84
CA PHE B 347 -32.27 20.40 9.01
C PHE B 347 -32.36 21.61 9.95
N THR B 348 -31.66 22.69 9.59
CA THR B 348 -31.71 23.96 10.35
C THR B 348 -32.03 25.11 9.40
N ALA B 349 -32.68 26.11 9.93
CA ALA B 349 -32.97 27.36 9.21
C ALA B 349 -32.96 28.46 10.25
N PRO B 350 -32.45 29.65 9.84
CA PRO B 350 -32.29 30.78 10.74
C PRO B 350 -33.54 30.94 11.61
N GLY B 351 -33.32 30.94 12.92
CA GLY B 351 -34.36 31.16 13.95
C GLY B 351 -35.60 30.32 13.72
N LYS B 352 -35.46 29.03 13.38
CA LYS B 352 -36.58 28.05 13.37
C LYS B 352 -36.14 26.90 14.26
N PRO B 353 -37.07 26.01 14.72
CA PRO B 353 -36.69 24.80 15.43
C PRO B 353 -35.72 23.97 14.58
N THR B 354 -34.83 23.22 15.23
CA THR B 354 -34.01 22.19 14.58
C THR B 354 -34.89 20.98 14.31
N VAL B 355 -34.77 20.41 13.13
CA VAL B 355 -35.60 19.23 12.73
C VAL B 355 -34.61 18.12 12.33
N VAL B 356 -34.83 16.93 12.86
CA VAL B 356 -34.00 15.74 12.58
C VAL B 356 -34.93 14.71 11.95
N VAL B 357 -34.54 14.18 10.80
CA VAL B 357 -35.29 13.13 10.09
C VAL B 357 -34.52 11.81 10.28
N ASP B 358 -35.16 10.82 10.88
CA ASP B 358 -34.52 9.53 11.16
C ASP B 358 -35.45 8.39 10.79
N TYR B 359 -34.88 7.28 10.31
CA TYR B 359 -35.67 6.10 9.88
C TYR B 359 -36.24 5.32 11.08
N ALA B 360 -35.84 5.58 12.32
CA ALA B 360 -36.25 4.77 13.50
C ALA B 360 -37.73 4.39 13.41
N HIS B 361 -38.02 3.09 13.35
CA HIS B 361 -39.42 2.60 13.29
C HIS B 361 -39.63 1.41 14.24
N THR B 362 -38.76 1.22 15.22
CA THR B 362 -38.86 0.20 16.28
C THR B 362 -38.68 0.88 17.63
N PRO B 363 -39.12 0.26 18.73
CA PRO B 363 -38.96 0.86 20.06
C PRO B 363 -37.52 1.26 20.38
N ASP B 364 -36.59 0.32 20.21
N ASP B 364 -36.58 0.32 20.19
CA ASP B 364 -35.15 0.54 20.53
CA ASP B 364 -35.14 0.53 20.52
C ASP B 364 -34.54 1.67 19.68
C ASP B 364 -34.55 1.68 19.68
N ALA B 365 -34.84 1.72 18.38
CA ALA B 365 -34.28 2.71 17.44
C ALA B 365 -34.87 4.07 17.79
N LEU B 366 -36.16 4.10 18.14
CA LEU B 366 -36.83 5.39 18.49
C LEU B 366 -36.20 5.90 19.79
N GLU B 367 -36.01 5.02 20.76
CA GLU B 367 -35.37 5.41 22.04
C GLU B 367 -34.00 6.03 21.74
N LYS B 368 -33.18 5.32 20.96
CA LYS B 368 -31.80 5.81 20.65
C LYS B 368 -31.86 7.15 19.92
N ALA B 369 -32.75 7.30 18.94
CA ALA B 369 -32.86 8.55 18.14
C ALA B 369 -33.25 9.70 19.07
N LEU B 370 -34.16 9.48 20.04
CA LEU B 370 -34.60 10.55 20.97
C LEU B 370 -33.48 10.91 21.96
N GLN B 371 -32.74 9.92 22.44
CA GLN B 371 -31.61 10.17 23.40
C GLN B 371 -30.53 10.98 22.67
N ALA B 372 -30.30 10.68 21.40
CA ALA B 372 -29.34 11.40 20.55
C ALA B 372 -29.82 12.85 20.32
N ALA B 373 -31.09 13.02 19.89
CA ALA B 373 -31.67 14.34 19.62
C ALA B 373 -31.61 15.19 20.91
N ARG B 374 -31.88 14.58 22.06
CA ARG B 374 -32.02 15.30 23.33
C ARG B 374 -30.70 16.06 23.62
N LEU B 375 -29.55 15.49 23.27
CA LEU B 375 -28.23 16.13 23.57
C LEU B 375 -28.13 17.51 22.92
N HIS B 376 -28.77 17.70 21.77
CA HIS B 376 -28.67 18.89 20.91
C HIS B 376 -29.81 19.87 21.21
N CYS B 377 -30.65 19.58 22.20
CA CYS B 377 -31.96 20.24 22.43
C CYS B 377 -31.92 21.07 23.72
N ALA B 378 -31.87 22.39 23.56
CA ALA B 378 -31.92 23.37 24.68
C ALA B 378 -33.36 23.49 25.24
N GLY B 379 -34.37 23.33 24.38
CA GLY B 379 -35.77 23.58 24.76
C GLY B 379 -36.52 22.27 24.91
N LYS B 380 -37.62 22.13 24.15
CA LYS B 380 -38.49 20.95 24.19
C LYS B 380 -38.15 20.02 23.01
N LEU B 381 -38.15 18.72 23.27
CA LEU B 381 -38.00 17.68 22.23
C LEU B 381 -39.38 17.17 21.80
N TRP B 382 -39.70 17.36 20.54
CA TRP B 382 -40.93 16.85 19.87
C TRP B 382 -40.62 15.56 19.12
N CYS B 383 -41.57 14.63 19.11
CA CYS B 383 -41.40 13.36 18.36
C CYS B 383 -42.64 13.15 17.50
N VAL B 384 -42.47 13.21 16.20
CA VAL B 384 -43.53 12.94 15.22
C VAL B 384 -43.29 11.52 14.70
N PHE B 385 -44.27 10.64 14.86
CA PHE B 385 -44.13 9.23 14.42
C PHE B 385 -45.50 8.56 14.34
N GLY B 386 -45.50 7.42 13.66
CA GLY B 386 -46.64 6.51 13.59
C GLY B 386 -46.14 5.10 13.47
N CYS B 387 -47.05 4.17 13.20
CA CYS B 387 -46.69 2.74 13.03
C CYS B 387 -47.38 2.18 11.79
N GLY B 388 -46.71 1.22 11.16
CA GLY B 388 -47.18 0.62 9.90
C GLY B 388 -48.47 -0.13 10.13
N GLY B 389 -49.37 -0.07 9.15
CA GLY B 389 -50.62 -0.86 9.14
C GLY B 389 -50.38 -2.31 8.73
N ASP B 390 -51.23 -3.23 9.22
CA ASP B 390 -51.37 -4.63 8.74
C ASP B 390 -50.11 -5.44 9.07
N ARG B 391 -49.19 -4.94 9.90
CA ARG B 391 -47.98 -5.69 10.27
C ARG B 391 -47.27 -5.06 11.45
N ASP B 392 -46.53 -5.89 12.18
CA ASP B 392 -45.64 -5.53 13.32
C ASP B 392 -46.45 -4.70 14.31
N LYS B 393 -47.48 -5.33 14.90
CA LYS B 393 -48.53 -4.64 15.71
C LYS B 393 -48.11 -4.58 17.18
N GLY B 394 -47.33 -5.55 17.64
CA GLY B 394 -46.86 -5.57 19.04
C GLY B 394 -46.05 -4.34 19.40
N LYS B 395 -45.29 -3.75 18.48
CA LYS B 395 -44.42 -2.59 18.81
C LYS B 395 -45.25 -1.33 19.14
N ARG B 396 -46.54 -1.27 18.77
CA ARG B 396 -47.29 0.01 18.78
C ARG B 396 -47.30 0.63 20.18
N PRO B 397 -47.81 -0.05 21.26
CA PRO B 397 -47.84 0.57 22.58
C PRO B 397 -46.44 0.89 23.14
N LEU B 398 -45.44 0.11 22.74
CA LEU B 398 -44.05 0.26 23.20
C LEU B 398 -43.45 1.53 22.57
N MET B 399 -43.73 1.80 21.30
N MET B 399 -43.72 1.76 21.26
CA MET B 399 -43.27 3.08 20.67
CA MET B 399 -43.38 3.01 20.52
C MET B 399 -44.02 4.26 21.27
C MET B 399 -44.02 4.22 21.23
N GLY B 400 -45.30 4.10 21.62
CA GLY B 400 -46.03 5.14 22.38
C GLY B 400 -45.36 5.49 23.69
N ALA B 401 -44.98 4.46 24.48
CA ALA B 401 -44.36 4.62 25.81
C ALA B 401 -43.01 5.31 25.67
N ILE B 402 -42.26 4.94 24.63
CA ILE B 402 -40.91 5.51 24.33
C ILE B 402 -41.10 6.99 24.00
N ALA B 403 -41.98 7.32 23.06
CA ALA B 403 -42.21 8.72 22.64
C ALA B 403 -42.59 9.56 23.86
N GLU B 404 -43.43 9.02 24.75
CA GLU B 404 -43.87 9.76 25.94
C GLU B 404 -42.70 9.96 26.90
N GLU B 405 -41.88 8.92 27.11
CA GLU B 405 -40.83 8.95 28.15
C GLU B 405 -39.66 9.84 27.68
N PHE B 406 -39.25 9.69 26.42
CA PHE B 406 -37.96 10.25 25.94
C PHE B 406 -38.17 11.54 25.12
N ALA B 407 -39.40 11.94 24.81
CA ALA B 407 -39.69 13.29 24.28
C ALA B 407 -40.51 14.09 25.28
N ASP B 408 -40.60 15.39 25.07
CA ASP B 408 -41.47 16.32 25.81
C ASP B 408 -42.85 16.39 25.16
N VAL B 409 -42.94 16.28 23.84
CA VAL B 409 -44.23 16.34 23.08
C VAL B 409 -44.26 15.16 22.11
N ALA B 410 -45.28 14.30 22.18
CA ALA B 410 -45.50 13.19 21.21
C ALA B 410 -46.58 13.66 20.23
N VAL B 411 -46.26 13.68 18.92
CA VAL B 411 -47.23 13.92 17.83
C VAL B 411 -47.46 12.60 17.08
N VAL B 412 -48.61 11.96 17.28
CA VAL B 412 -48.89 10.60 16.74
C VAL B 412 -49.66 10.76 15.44
N THR B 413 -49.10 10.26 14.36
CA THR B 413 -49.66 10.40 13.00
C THR B 413 -49.60 9.04 12.28
N ASP B 414 -49.71 9.07 10.96
CA ASP B 414 -49.75 7.88 10.09
C ASP B 414 -48.35 7.61 9.54
N ASP B 415 -48.04 6.33 9.38
CA ASP B 415 -46.83 5.82 8.71
C ASP B 415 -47.16 4.51 7.99
N ASN B 416 -47.46 4.59 6.70
CA ASN B 416 -47.84 3.40 5.87
C ASN B 416 -49.00 2.66 6.53
N PRO B 417 -50.17 3.28 6.71
CA PRO B 417 -51.31 2.56 7.28
C PRO B 417 -51.81 1.39 6.42
N ARG B 418 -51.44 1.30 5.14
CA ARG B 418 -51.82 0.15 4.26
C ARG B 418 -53.35 0.02 4.29
N THR B 419 -53.92 -1.16 4.58
CA THR B 419 -55.42 -1.33 4.53
C THR B 419 -56.08 -1.14 5.90
N GLU B 420 -55.29 -0.95 6.96
CA GLU B 420 -55.80 -0.80 8.36
C GLU B 420 -56.35 0.63 8.59
N GLU B 421 -57.44 0.75 9.34
CA GLU B 421 -58.01 2.07 9.66
C GLU B 421 -56.91 2.87 10.37
N PRO B 422 -56.49 4.04 9.85
CA PRO B 422 -55.40 4.79 10.49
C PRO B 422 -55.60 5.03 12.00
N ARG B 423 -56.81 5.44 12.41
CA ARG B 423 -57.14 5.72 13.83
C ARG B 423 -56.93 4.46 14.69
N ALA B 424 -57.19 3.26 14.19
CA ALA B 424 -57.02 2.01 14.97
C ALA B 424 -55.56 1.89 15.35
N ILE B 425 -54.68 2.20 14.40
CA ILE B 425 -53.21 2.09 14.65
C ILE B 425 -52.84 3.09 15.75
N ILE B 426 -53.29 4.33 15.60
CA ILE B 426 -53.01 5.45 16.54
C ILE B 426 -53.51 5.04 17.93
N ASN B 427 -54.69 4.45 18.05
CA ASN B 427 -55.22 4.00 19.39
C ASN B 427 -54.30 2.92 19.99
N ASP B 428 -53.80 1.96 19.20
CA ASP B 428 -52.87 0.93 19.74
C ASP B 428 -51.60 1.60 20.30
N ILE B 429 -51.16 2.70 19.66
CA ILE B 429 -49.97 3.45 20.11
C ILE B 429 -50.31 4.16 21.42
N LEU B 430 -51.44 4.85 21.45
CA LEU B 430 -51.89 5.64 22.62
C LEU B 430 -52.09 4.72 23.83
N ALA B 431 -52.40 3.45 23.59
CA ALA B 431 -52.67 2.42 24.63
C ALA B 431 -51.45 2.30 25.53
N GLY B 432 -50.26 2.55 25.00
CA GLY B 432 -49.01 2.33 25.76
C GLY B 432 -48.63 3.54 26.60
N MET B 433 -49.39 4.64 26.57
CA MET B 433 -49.00 5.92 27.24
C MET B 433 -49.69 6.07 28.61
N LEU B 434 -48.96 6.60 29.58
CA LEU B 434 -49.48 6.96 30.94
C LEU B 434 -50.42 8.15 30.83
N ASP B 435 -50.15 9.10 29.91
CA ASP B 435 -50.95 10.34 29.77
C ASP B 435 -51.15 10.62 28.28
N ALA B 436 -51.93 9.76 27.64
CA ALA B 436 -52.28 9.83 26.21
C ALA B 436 -52.95 11.16 25.93
N GLY B 437 -53.68 11.72 26.90
CA GLY B 437 -54.41 13.00 26.75
C GLY B 437 -53.50 14.19 26.49
N HIS B 438 -52.21 14.10 26.84
CA HIS B 438 -51.18 15.14 26.55
C HIS B 438 -50.42 14.86 25.24
N ALA B 439 -50.60 13.70 24.60
CA ALA B 439 -50.09 13.41 23.24
C ALA B 439 -50.93 14.22 22.25
N LYS B 440 -50.33 14.65 21.14
CA LYS B 440 -51.06 15.36 20.07
C LYS B 440 -51.31 14.30 19.00
N VAL B 441 -52.54 14.18 18.52
CA VAL B 441 -52.82 13.22 17.45
C VAL B 441 -53.18 14.04 16.20
N MET B 442 -52.57 13.76 15.07
CA MET B 442 -53.03 14.41 13.84
C MET B 442 -52.84 13.47 12.66
N GLU B 443 -53.94 13.11 11.99
CA GLU B 443 -53.95 12.23 10.80
C GLU B 443 -53.61 13.14 9.63
N GLY B 444 -52.99 12.54 8.62
CA GLY B 444 -52.26 13.29 7.61
C GLY B 444 -50.87 13.48 8.15
N ARG B 445 -49.90 12.70 7.66
CA ARG B 445 -48.50 12.82 8.17
C ARG B 445 -47.94 14.20 7.82
N ALA B 446 -48.17 14.73 6.60
CA ALA B 446 -47.62 16.06 6.22
C ALA B 446 -48.14 17.12 7.22
N GLU B 447 -49.41 17.01 7.58
CA GLU B 447 -50.06 17.96 8.50
C GLU B 447 -49.44 17.80 9.90
N ALA B 448 -49.20 16.56 10.37
CA ALA B 448 -48.64 16.34 11.74
C ALA B 448 -47.23 16.93 11.80
N VAL B 449 -46.42 16.66 10.80
CA VAL B 449 -45.06 17.25 10.71
C VAL B 449 -45.14 18.78 10.77
N THR B 450 -46.02 19.37 9.97
CA THR B 450 -46.23 20.83 9.95
C THR B 450 -46.60 21.30 11.35
N SER B 451 -47.53 20.60 12.00
CA SER B 451 -48.04 21.04 13.30
C SER B 451 -46.87 21.14 14.27
N ALA B 452 -45.96 20.16 14.27
CA ALA B 452 -44.80 20.17 15.20
C ALA B 452 -43.82 21.28 14.78
N VAL B 453 -43.48 21.36 13.51
CA VAL B 453 -42.46 22.32 13.02
C VAL B 453 -42.96 23.75 13.30
N MET B 454 -44.24 24.02 13.07
CA MET B 454 -44.78 25.41 13.15
C MET B 454 -45.11 25.79 14.59
N GLN B 455 -45.30 24.83 15.51
CA GLN B 455 -45.55 25.13 16.93
C GLN B 455 -44.24 25.17 17.70
N ALA B 456 -43.23 24.37 17.35
CA ALA B 456 -41.99 24.29 18.17
C ALA B 456 -41.32 25.66 18.20
N LYS B 457 -40.66 25.96 19.30
CA LYS B 457 -39.85 27.18 19.48
C LYS B 457 -38.50 27.04 18.80
N GLU B 458 -37.85 28.17 18.63
CA GLU B 458 -36.53 28.33 17.97
C GLU B 458 -35.54 27.35 18.59
N ASN B 459 -35.59 27.12 19.90
CA ASN B 459 -34.53 26.33 20.59
C ASN B 459 -35.03 24.89 20.81
N ASP B 460 -36.17 24.53 20.21
CA ASP B 460 -36.72 23.16 20.32
C ASP B 460 -36.08 22.29 19.24
N VAL B 461 -36.22 20.99 19.40
CA VAL B 461 -35.83 19.99 18.36
C VAL B 461 -37.06 19.12 18.07
N VAL B 462 -37.34 18.91 16.81
CA VAL B 462 -38.40 18.00 16.32
C VAL B 462 -37.74 16.81 15.63
N LEU B 463 -37.91 15.64 16.23
CA LEU B 463 -37.51 14.38 15.57
C LEU B 463 -38.70 13.91 14.73
N VAL B 464 -38.50 13.71 13.44
CA VAL B 464 -39.48 13.09 12.51
C VAL B 464 -39.00 11.68 12.16
N ALA B 465 -39.61 10.70 12.81
CA ALA B 465 -39.10 9.31 12.88
C ALA B 465 -39.97 8.39 12.03
N GLY B 466 -39.35 7.39 11.44
CA GLY B 466 -40.08 6.25 10.87
C GLY B 466 -39.76 6.03 9.41
N LYS B 467 -39.29 7.06 8.69
CA LYS B 467 -39.20 6.96 7.22
C LYS B 467 -37.76 7.19 6.76
N GLY B 468 -37.01 8.10 7.39
CA GLY B 468 -35.68 8.49 6.86
C GLY B 468 -35.81 9.02 5.44
N HIS B 469 -35.26 8.30 4.44
CA HIS B 469 -35.28 8.70 3.00
C HIS B 469 -36.27 7.83 2.22
N GLU B 470 -37.14 7.06 2.90
CA GLU B 470 -38.14 6.15 2.25
C GLU B 470 -39.34 6.99 1.85
N ASP B 471 -39.34 7.52 0.61
CA ASP B 471 -40.16 8.67 0.16
C ASP B 471 -41.46 8.19 -0.47
N TYR B 472 -42.29 7.56 0.33
CA TYR B 472 -43.69 7.19 -0.02
C TYR B 472 -44.45 7.01 1.28
N GLN B 473 -45.77 7.00 1.13
CA GLN B 473 -46.78 6.70 2.16
C GLN B 473 -47.75 5.70 1.54
N ILE B 474 -47.78 4.47 2.06
CA ILE B 474 -48.61 3.35 1.52
C ILE B 474 -50.00 3.49 2.15
N VAL B 475 -50.97 3.94 1.35
CA VAL B 475 -52.43 4.00 1.74
C VAL B 475 -53.17 3.05 0.80
N GLY B 476 -53.85 2.05 1.36
CA GLY B 476 -54.41 0.91 0.64
C GLY B 476 -53.29 0.01 0.13
N ASN B 477 -53.28 -0.24 -1.19
CA ASN B 477 -52.26 -1.00 -1.94
C ASN B 477 -51.24 -0.02 -2.57
N GLN B 478 -51.58 1.28 -2.52
CA GLN B 478 -50.99 2.37 -3.34
C GLN B 478 -49.85 3.07 -2.60
N ARG B 479 -48.77 3.34 -3.35
CA ARG B 479 -47.55 4.03 -2.88
C ARG B 479 -47.67 5.50 -3.27
N LEU B 480 -48.23 6.33 -2.38
CA LEU B 480 -48.42 7.77 -2.65
C LEU B 480 -47.06 8.48 -2.50
N ASP B 481 -46.86 9.50 -3.30
CA ASP B 481 -45.63 10.32 -3.30
C ASP B 481 -45.69 11.17 -2.04
N TYR B 482 -44.63 11.07 -1.25
CA TYR B 482 -44.51 11.76 0.06
C TYR B 482 -43.06 11.65 0.53
N SER B 483 -42.50 12.73 1.07
CA SER B 483 -41.15 12.75 1.67
C SER B 483 -41.15 13.58 2.98
N ASP B 484 -40.69 12.99 4.08
CA ASP B 484 -40.45 13.74 5.33
C ASP B 484 -39.39 14.82 5.05
N ARG B 485 -38.35 14.52 4.28
CA ARG B 485 -37.22 15.47 4.09
C ARG B 485 -37.73 16.68 3.31
N VAL B 486 -38.53 16.44 2.27
CA VAL B 486 -39.09 17.49 1.38
C VAL B 486 -40.09 18.30 2.20
N THR B 487 -40.97 17.66 2.97
CA THR B 487 -41.96 18.38 3.80
C THR B 487 -41.22 19.34 4.74
N VAL B 488 -40.23 18.81 5.46
CA VAL B 488 -39.45 19.57 6.47
C VAL B 488 -38.73 20.75 5.77
N ALA B 489 -38.04 20.47 4.66
CA ALA B 489 -37.23 21.48 3.92
C ALA B 489 -38.12 22.67 3.54
N ARG B 490 -39.27 22.41 2.92
CA ARG B 490 -40.23 23.44 2.48
C ARG B 490 -40.69 24.29 3.66
N LEU B 491 -41.00 23.65 4.80
CA LEU B 491 -41.41 24.39 6.02
C LEU B 491 -40.30 25.30 6.53
N LEU B 492 -39.06 24.82 6.47
CA LEU B 492 -37.90 25.59 6.98
C LEU B 492 -37.36 26.58 5.92
N GLY B 493 -37.82 26.53 4.67
CA GLY B 493 -37.34 27.37 3.55
C GLY B 493 -35.94 26.96 3.12
N VAL B 494 -35.62 25.66 3.24
CA VAL B 494 -34.31 25.13 2.80
C VAL B 494 -34.58 24.07 1.73
N ILE B 495 -33.51 23.48 1.19
CA ILE B 495 -33.54 22.53 0.04
C ILE B 495 -33.21 21.12 0.54
N ALA B 496 -34.09 20.15 0.32
CA ALA B 496 -33.86 18.73 0.68
C ALA B 496 -32.87 18.14 -0.32
#